data_4PRH
#
_entry.id   4PRH
#
_cell.length_a   44.835
_cell.length_b   62.081
_cell.length_c   98.334
_cell.angle_alpha   92.70
_cell.angle_beta   101.92
_cell.angle_gamma   108.21
#
_symmetry.space_group_name_H-M   'P 1'
#
loop_
_entity.id
_entity.type
_entity.pdbx_description
1 polymer 'MHC class I antigen'
2 polymer Beta-2-microglobulin
3 polymer 'Epstein-Barr nuclear antigen 1'
4 polymer 'TK3 TCR alpha chain'
5 polymer 'TK3 TCR beta chain'
6 water water
#
loop_
_entity_poly.entity_id
_entity_poly.type
_entity_poly.pdbx_seq_one_letter_code
_entity_poly.pdbx_strand_id
1 'polypeptide(L)'
;SHSMRYFYTAMSRPGRGEPRFIAVGYVDDTQFVRFDSDAASPRTEPRAPWIEQEGPEYWDRNTQIFKTNTQTYRESLRNL
RGYYNQSEAGSHIIQRMYGCDLGPDGRLLRGHDQSAYDGKDYIALNEDLSSWTAADTAAQITQRKWEAARVAEQRRAYLE
GLCVEWLRRYLENGKETLQRADPPKTHVTHHPVSDHEATLRCWALGFYPAEITLTWQRDGEDQDTELVETRPAGDRTFQK
WAAVVVPSGEEQRYTCHVQHEGLPKPLTLRWE
;
A
2 'polypeptide(L)'
;MIQRTPKIQVYSRHPAENGKSNFLNCYVSGFHPSDIEVDLLKNGERLEKVEHSDLSFSKDWSFYLLYYTEFTPTEKDEYA
CRVNHVTLSQPKIVKWDRDM
;
B
3 'polypeptide(L)' HPVGDADYFEY C
4 'polypeptide(L)'
;HMEDQVTQSPEALRLQEGESSSLNCSYTVSGLRGLFWYRQDPGKGPEFLFTLYSAGEEKEKERLKATLTKKESFLHITAP
KPEDSATYLCAVQDLGTSGSRLTFGEGTQLTVNPNIQNPDPAVYQLRDSKSSDKSVCLFTDFDSQTNVSQSKDSDVYITD
KCVLDMRSMDFKSNSAVAWSNKSDFACANAFNNSIIPEDTFFPSPESS
;
D
5 'polypeptide(L)'
;HMDSGVTQTPKHLITATGQRVTLRCSPRSGDLSVYWYQQSLDQGLQFLIQYYNGEERAKGNILERFSAQQFPDLHSELNL
SSLELGDSALYFCASSARSGELFFGEGSRLTVLEDLKNVFPPEVAVFEPSEAEISHTQKATLVCLATGFYPDHVELSWWV
NGKEVHSGVCTDPQPLKEQPALNDSRYALSSRLRVSATFWQNPRNHFRCQVQFYGLSENDEWTQDRAKPVTQIVSAEAWG
RAD
;
E
#
# COMPACT_ATOMS: atom_id res chain seq x y z
N SER A 1 14.94 -13.99 -28.94
CA SER A 1 13.94 -14.70 -29.73
C SER A 1 12.49 -14.26 -29.43
N HIS A 2 12.12 -14.15 -28.14
CA HIS A 2 10.75 -13.75 -27.76
C HIS A 2 10.60 -12.44 -26.97
N SER A 3 9.41 -11.81 -27.07
CA SER A 3 9.09 -10.55 -26.43
C SER A 3 7.62 -10.40 -26.03
N MET A 4 7.35 -9.48 -25.08
CA MET A 4 6.00 -9.12 -24.62
C MET A 4 5.85 -7.61 -24.72
N ARG A 5 4.65 -7.16 -25.14
CA ARG A 5 4.36 -5.73 -25.30
C ARG A 5 2.91 -5.33 -25.01
N TYR A 6 2.76 -4.21 -24.26
CA TYR A 6 1.48 -3.58 -23.97
C TYR A 6 1.41 -2.25 -24.70
N PHE A 7 0.29 -1.96 -25.38
CA PHE A 7 0.08 -0.75 -26.14
C PHE A 7 -1.14 -0.01 -25.62
N TYR A 8 -0.99 1.26 -25.23
CA TYR A 8 -2.08 2.05 -24.67
C TYR A 8 -2.40 3.23 -25.56
N THR A 9 -3.66 3.65 -25.58
CA THR A 9 -4.10 4.88 -26.23
C THR A 9 -5.06 5.57 -25.29
N ALA A 10 -4.90 6.89 -25.16
CA ALA A 10 -5.71 7.78 -24.33
C ALA A 10 -6.07 8.95 -25.25
N MET A 11 -7.22 8.85 -25.92
CA MET A 11 -7.70 9.80 -26.91
C MET A 11 -8.73 10.75 -26.34
N SER A 12 -8.47 12.08 -26.46
CA SER A 12 -9.35 13.19 -26.01
C SER A 12 -10.61 13.32 -26.84
N ARG A 13 -11.68 13.80 -26.16
CA ARG A 13 -13.03 14.10 -26.68
C ARG A 13 -13.16 15.63 -26.93
N PRO A 14 -14.29 16.19 -27.46
CA PRO A 14 -14.32 17.65 -27.69
C PRO A 14 -14.78 18.57 -26.54
N GLY A 15 -15.35 18.01 -25.47
CA GLY A 15 -15.84 18.80 -24.35
C GLY A 15 -15.05 18.63 -23.07
N ARG A 16 -15.78 18.48 -21.92
CA ARG A 16 -15.22 18.26 -20.59
C ARG A 16 -15.01 16.76 -20.34
N GLY A 17 -15.66 15.94 -21.18
CA GLY A 17 -15.60 14.49 -21.15
C GLY A 17 -15.94 13.87 -22.50
N GLU A 18 -15.66 12.56 -22.70
CA GLU A 18 -15.02 11.66 -21.74
C GLU A 18 -13.94 10.88 -22.51
N PRO A 19 -12.63 11.07 -22.21
CA PRO A 19 -11.58 10.39 -22.98
C PRO A 19 -11.65 8.86 -22.96
N ARG A 20 -11.26 8.24 -24.07
CA ARG A 20 -11.31 6.80 -24.25
C ARG A 20 -9.94 6.15 -24.08
N PHE A 21 -9.88 5.12 -23.21
CA PHE A 21 -8.68 4.35 -22.95
C PHE A 21 -8.76 2.90 -23.46
N ILE A 22 -7.88 2.57 -24.42
CA ILE A 22 -7.72 1.24 -25.02
C ILE A 22 -6.36 0.68 -24.57
N ALA A 23 -6.33 -0.56 -24.15
CA ALA A 23 -5.09 -1.24 -23.81
C ALA A 23 -5.09 -2.56 -24.56
N VAL A 24 -3.94 -2.91 -25.14
CA VAL A 24 -3.76 -4.14 -25.90
C VAL A 24 -2.40 -4.79 -25.62
N GLY A 25 -2.43 -6.07 -25.28
CA GLY A 25 -1.26 -6.89 -24.97
C GLY A 25 -0.94 -7.89 -26.05
N TYR A 26 0.36 -8.00 -26.39
CA TYR A 26 0.94 -8.87 -27.42
C TYR A 26 2.09 -9.72 -26.90
N VAL A 27 2.26 -10.94 -27.47
CA VAL A 27 3.42 -11.83 -27.30
C VAL A 27 3.87 -12.03 -28.75
N ASP A 28 4.92 -11.29 -29.17
CA ASP A 28 5.47 -11.28 -30.53
C ASP A 28 4.43 -11.26 -31.66
N ASP A 29 3.79 -10.12 -31.89
CA ASP A 29 2.79 -9.94 -32.95
C ASP A 29 1.44 -10.68 -32.76
N THR A 30 1.29 -11.50 -31.70
CA THR A 30 0.02 -12.16 -31.42
C THR A 30 -0.76 -11.52 -30.26
N GLN A 31 -1.78 -10.73 -30.61
CA GLN A 31 -2.71 -10.03 -29.71
C GLN A 31 -3.33 -11.05 -28.74
N PHE A 32 -3.18 -10.82 -27.41
CA PHE A 32 -3.73 -11.75 -26.40
C PHE A 32 -4.76 -11.15 -25.44
N VAL A 33 -4.68 -9.85 -25.14
CA VAL A 33 -5.63 -9.14 -24.25
C VAL A 33 -6.06 -7.80 -24.82
N ARG A 34 -7.33 -7.40 -24.56
CA ARG A 34 -7.88 -6.11 -24.99
C ARG A 34 -8.88 -5.53 -24.01
N PHE A 35 -8.67 -4.25 -23.67
CA PHE A 35 -9.52 -3.45 -22.79
C PHE A 35 -9.87 -2.18 -23.55
N ASP A 36 -11.17 -1.83 -23.60
CA ASP A 36 -11.70 -0.61 -24.20
C ASP A 36 -12.56 0.10 -23.13
N SER A 37 -12.28 1.38 -22.84
CA SER A 37 -13.03 2.13 -21.82
C SER A 37 -14.53 2.33 -22.10
N ASP A 38 -14.90 2.51 -23.39
CA ASP A 38 -16.29 2.70 -23.85
C ASP A 38 -17.12 1.40 -23.72
N ALA A 39 -18.05 1.39 -22.73
CA ALA A 39 -18.98 0.32 -22.33
C ALA A 39 -19.50 0.59 -20.94
N ALA A 40 -20.71 0.08 -20.62
CA ALA A 40 -21.38 0.24 -19.31
C ALA A 40 -20.56 -0.37 -18.16
N SER A 41 -19.95 -1.53 -18.42
CA SER A 41 -19.05 -2.24 -17.52
C SER A 41 -17.87 -2.76 -18.40
N PRO A 42 -16.83 -1.93 -18.61
CA PRO A 42 -15.70 -2.39 -19.43
C PRO A 42 -14.91 -3.47 -18.67
N ARG A 43 -14.53 -4.51 -19.41
CA ARG A 43 -13.76 -5.64 -18.88
C ARG A 43 -12.63 -5.95 -19.86
N THR A 44 -11.52 -6.52 -19.33
CA THR A 44 -10.40 -6.97 -20.15
C THR A 44 -10.85 -8.29 -20.77
N GLU A 45 -10.69 -8.40 -22.09
CA GLU A 45 -11.13 -9.51 -22.93
C GLU A 45 -9.98 -10.36 -23.45
N PRO A 46 -10.15 -11.70 -23.51
CA PRO A 46 -9.11 -12.56 -24.10
C PRO A 46 -9.12 -12.38 -25.60
N ARG A 47 -7.95 -12.53 -26.26
CA ARG A 47 -7.87 -12.41 -27.71
C ARG A 47 -7.19 -13.58 -28.38
N ALA A 48 -6.33 -14.31 -27.62
CA ALA A 48 -5.60 -15.50 -28.06
C ALA A 48 -6.15 -16.72 -27.30
N PRO A 49 -6.22 -17.93 -27.92
CA PRO A 49 -6.79 -19.08 -27.19
C PRO A 49 -6.07 -19.54 -25.92
N TRP A 50 -4.75 -19.37 -25.86
CA TRP A 50 -3.93 -19.79 -24.73
C TRP A 50 -4.08 -18.98 -23.41
N ILE A 51 -4.66 -17.77 -23.47
CA ILE A 51 -4.88 -16.92 -22.30
C ILE A 51 -6.21 -17.23 -21.57
N GLU A 52 -7.10 -18.01 -22.21
CA GLU A 52 -8.41 -18.38 -21.67
C GLU A 52 -8.39 -19.23 -20.37
N GLN A 53 -7.30 -19.96 -20.12
CA GLN A 53 -7.13 -20.82 -18.94
C GLN A 53 -6.88 -20.04 -17.61
N GLU A 54 -6.65 -18.71 -17.68
CA GLU A 54 -6.38 -17.86 -16.53
C GLU A 54 -7.63 -17.59 -15.67
N GLY A 55 -7.41 -17.50 -14.36
CA GLY A 55 -8.45 -17.32 -13.34
C GLY A 55 -9.10 -15.96 -13.21
N PRO A 56 -10.14 -15.84 -12.34
CA PRO A 56 -10.84 -14.54 -12.17
C PRO A 56 -9.97 -13.39 -11.65
N GLU A 57 -9.07 -13.68 -10.69
CA GLU A 57 -8.12 -12.75 -10.05
C GLU A 57 -7.22 -12.09 -11.09
N TYR A 58 -6.78 -12.85 -12.12
CA TYR A 58 -5.95 -12.35 -13.21
C TYR A 58 -6.77 -11.32 -14.04
N TRP A 59 -8.00 -11.69 -14.42
CA TRP A 59 -8.91 -10.83 -15.17
C TRP A 59 -9.32 -9.57 -14.42
N ASP A 60 -9.31 -9.60 -13.07
CA ASP A 60 -9.64 -8.44 -12.24
C ASP A 60 -8.40 -7.57 -11.97
N ARG A 61 -7.20 -8.17 -11.83
CA ARG A 61 -5.97 -7.40 -11.63
C ARG A 61 -5.68 -6.51 -12.85
N ASN A 62 -6.03 -7.01 -14.05
CA ASN A 62 -5.92 -6.33 -15.34
C ASN A 62 -6.96 -5.20 -15.49
N THR A 63 -8.24 -5.53 -15.19
CA THR A 63 -9.38 -4.64 -15.29
C THR A 63 -9.20 -3.43 -14.38
N GLN A 64 -8.69 -3.66 -13.15
CA GLN A 64 -8.42 -2.59 -12.18
C GLN A 64 -7.32 -1.67 -12.63
N ILE A 65 -6.27 -2.20 -13.27
CA ILE A 65 -5.14 -1.39 -13.76
C ILE A 65 -5.65 -0.54 -14.92
N PHE A 66 -6.36 -1.17 -15.85
CA PHE A 66 -6.88 -0.50 -17.00
C PHE A 66 -7.95 0.54 -16.68
N LYS A 67 -8.86 0.26 -15.71
CA LYS A 67 -9.87 1.24 -15.23
C LYS A 67 -9.23 2.40 -14.46
N THR A 68 -8.08 2.16 -13.77
CA THR A 68 -7.37 3.20 -13.04
C THR A 68 -6.70 4.04 -14.08
N ASN A 69 -6.10 3.41 -15.12
CA ASN A 69 -5.48 4.08 -16.27
C ASN A 69 -6.46 4.96 -17.05
N THR A 70 -7.74 4.50 -17.18
CA THR A 70 -8.82 5.28 -17.81
C THR A 70 -8.92 6.64 -17.06
N GLN A 71 -8.67 6.64 -15.73
CA GLN A 71 -8.66 7.85 -14.89
C GLN A 71 -7.28 8.55 -14.92
N THR A 72 -6.16 7.83 -14.62
CA THR A 72 -4.79 8.42 -14.61
C THR A 72 -4.35 9.05 -15.94
N TYR A 73 -4.97 8.64 -17.06
CA TYR A 73 -4.62 9.15 -18.38
C TYR A 73 -5.40 10.38 -18.82
N ARG A 74 -6.56 10.64 -18.20
CA ARG A 74 -7.41 11.82 -18.35
C ARG A 74 -6.66 13.01 -17.75
N GLU A 75 -6.09 12.85 -16.52
CA GLU A 75 -5.34 13.89 -15.81
C GLU A 75 -4.03 14.20 -16.53
N SER A 76 -3.41 13.18 -17.11
CA SER A 76 -2.18 13.30 -17.90
C SER A 76 -2.42 14.12 -19.19
N LEU A 77 -3.54 13.82 -19.92
CA LEU A 77 -3.96 14.54 -21.15
C LEU A 77 -4.17 16.03 -20.82
N ARG A 78 -4.86 16.34 -19.70
CA ARG A 78 -5.15 17.70 -19.22
C ARG A 78 -3.85 18.45 -18.87
N ASN A 79 -2.92 17.77 -18.19
CA ASN A 79 -1.61 18.30 -17.82
C ASN A 79 -0.91 18.67 -19.11
N LEU A 80 -0.96 17.77 -20.12
CA LEU A 80 -0.38 17.93 -21.46
C LEU A 80 -0.94 19.08 -22.27
N ARG A 81 -2.30 19.19 -22.39
CA ARG A 81 -2.94 20.33 -23.09
C ARG A 81 -2.64 21.62 -22.33
N GLY A 82 -2.23 21.47 -21.08
CA GLY A 82 -1.83 22.54 -20.19
C GLY A 82 -0.43 23.02 -20.50
N TYR A 83 0.53 22.10 -20.70
CA TYR A 83 1.89 22.53 -21.04
C TYR A 83 1.93 23.10 -22.50
N TYR A 84 1.06 22.55 -23.39
CA TYR A 84 0.98 22.92 -24.81
C TYR A 84 -0.10 23.96 -25.18
N ASN A 85 -0.77 24.58 -24.20
CA ASN A 85 -1.81 25.62 -24.40
C ASN A 85 -2.87 25.24 -25.44
N GLN A 86 -3.41 24.02 -25.30
CA GLN A 86 -4.42 23.49 -26.22
C GLN A 86 -5.79 23.63 -25.60
N SER A 87 -6.82 23.86 -26.43
CA SER A 87 -8.19 24.00 -25.96
C SER A 87 -8.81 22.62 -25.72
N GLU A 88 -9.97 22.56 -25.04
CA GLU A 88 -10.72 21.33 -24.77
C GLU A 88 -11.40 20.83 -26.07
N ALA A 89 -11.62 21.77 -27.02
CA ALA A 89 -12.28 21.59 -28.32
C ALA A 89 -11.58 20.73 -29.38
N GLY A 90 -10.38 20.22 -29.04
CA GLY A 90 -9.62 19.34 -29.93
C GLY A 90 -9.49 17.91 -29.41
N SER A 91 -9.05 17.01 -30.30
CA SER A 91 -8.81 15.60 -29.99
C SER A 91 -7.31 15.39 -29.93
N HIS A 92 -6.82 15.08 -28.74
CA HIS A 92 -5.40 14.86 -28.47
C HIS A 92 -5.17 13.44 -28.02
N ILE A 93 -4.00 12.89 -28.33
CA ILE A 93 -3.74 11.49 -27.99
C ILE A 93 -2.40 11.28 -27.28
N ILE A 94 -2.39 10.37 -26.30
CA ILE A 94 -1.20 9.87 -25.60
C ILE A 94 -1.11 8.40 -26.01
N GLN A 95 0.04 8.00 -26.57
CA GLN A 95 0.31 6.61 -26.95
C GLN A 95 1.50 6.11 -26.15
N ARG A 96 1.39 4.89 -25.63
CA ARG A 96 2.48 4.27 -24.86
C ARG A 96 2.63 2.82 -25.26
N MET A 97 3.88 2.34 -25.30
CA MET A 97 4.28 0.94 -25.51
C MET A 97 5.44 0.59 -24.58
N TYR A 98 5.26 -0.45 -23.75
CA TYR A 98 6.26 -0.95 -22.81
C TYR A 98 6.31 -2.48 -22.87
N GLY A 99 7.43 -3.06 -22.44
CA GLY A 99 7.59 -4.51 -22.48
C GLY A 99 9.00 -5.04 -22.33
N CYS A 100 9.13 -6.36 -22.45
CA CYS A 100 10.41 -7.04 -22.30
C CYS A 100 10.74 -7.95 -23.46
N ASP A 101 12.05 -8.09 -23.72
CA ASP A 101 12.65 -8.96 -24.74
C ASP A 101 13.57 -9.92 -24.03
N LEU A 102 13.50 -11.19 -24.38
CA LEU A 102 14.40 -12.20 -23.85
C LEU A 102 15.08 -13.01 -24.96
N GLY A 103 16.21 -13.62 -24.65
CA GLY A 103 16.97 -14.42 -25.61
C GLY A 103 16.54 -15.87 -25.60
N PRO A 104 17.18 -16.74 -26.42
CA PRO A 104 16.81 -18.18 -26.38
C PRO A 104 17.16 -18.80 -25.01
N ASP A 105 18.19 -18.24 -24.36
CA ASP A 105 18.74 -18.61 -23.05
C ASP A 105 17.71 -18.55 -21.91
N GLY A 106 16.96 -17.46 -21.83
CA GLY A 106 15.96 -17.25 -20.78
C GLY A 106 16.22 -16.05 -19.88
N ARG A 107 17.09 -15.13 -20.34
CA ARG A 107 17.44 -13.91 -19.61
C ARG A 107 16.92 -12.69 -20.36
N LEU A 108 16.52 -11.63 -19.62
CA LEU A 108 16.05 -10.35 -20.15
C LEU A 108 17.15 -9.69 -20.99
N LEU A 109 16.89 -9.47 -22.29
CA LEU A 109 17.85 -8.85 -23.19
C LEU A 109 17.82 -7.34 -23.03
N ARG A 110 16.60 -6.76 -22.96
CA ARG A 110 16.34 -5.34 -22.75
C ARG A 110 14.87 -5.05 -22.45
N GLY A 111 14.65 -4.05 -21.59
CA GLY A 111 13.33 -3.58 -21.21
C GLY A 111 12.92 -2.32 -21.95
N HIS A 112 11.61 -2.15 -22.18
CA HIS A 112 11.05 -1.01 -22.89
C HIS A 112 9.92 -0.34 -22.12
N ASP A 113 9.80 0.99 -22.32
CA ASP A 113 8.79 1.91 -21.80
C ASP A 113 8.96 3.18 -22.62
N GLN A 114 8.06 3.37 -23.60
CA GLN A 114 8.09 4.48 -24.55
C GLN A 114 6.76 5.19 -24.62
N SER A 115 6.81 6.52 -24.74
CA SER A 115 5.60 7.31 -24.83
C SER A 115 5.69 8.32 -25.99
N ALA A 116 4.51 8.79 -26.44
CA ALA A 116 4.32 9.79 -27.47
C ALA A 116 3.07 10.58 -27.17
N TYR A 117 3.10 11.88 -27.48
CA TYR A 117 1.98 12.79 -27.37
C TYR A 117 1.70 13.37 -28.76
N ASP A 118 0.41 13.37 -29.15
CA ASP A 118 -0.10 13.87 -30.43
C ASP A 118 0.49 13.14 -31.67
N GLY A 119 1.02 11.93 -31.44
CA GLY A 119 1.60 11.06 -32.47
C GLY A 119 3.11 11.01 -32.53
N LYS A 120 3.81 11.92 -31.85
CA LYS A 120 5.27 11.96 -31.88
C LYS A 120 5.90 11.79 -30.51
N ASP A 121 7.09 11.12 -30.47
CA ASP A 121 7.95 10.84 -29.32
C ASP A 121 7.88 11.90 -28.22
N TYR A 122 7.68 11.47 -26.97
CA TYR A 122 7.55 12.38 -25.86
C TYR A 122 8.50 12.12 -24.69
N ILE A 123 8.62 10.85 -24.25
CA ILE A 123 9.48 10.39 -23.12
C ILE A 123 9.74 8.89 -23.25
N ALA A 124 11.01 8.46 -22.99
CA ALA A 124 11.39 7.04 -23.06
C ALA A 124 12.46 6.63 -22.04
N LEU A 125 12.33 5.39 -21.54
CA LEU A 125 13.24 4.77 -20.59
C LEU A 125 14.46 4.27 -21.37
N ASN A 126 15.66 4.48 -20.80
CA ASN A 126 16.90 4.11 -21.46
C ASN A 126 17.37 2.70 -21.16
N GLU A 127 18.34 2.18 -21.98
CA GLU A 127 18.90 0.82 -21.90
C GLU A 127 19.30 0.35 -20.48
N ASP A 128 19.82 1.27 -19.65
CA ASP A 128 20.22 0.97 -18.27
C ASP A 128 19.02 0.81 -17.33
N LEU A 129 17.81 1.24 -17.77
CA LEU A 129 16.52 1.23 -17.03
C LEU A 129 16.70 1.97 -15.70
N SER A 130 17.43 3.12 -15.74
CA SER A 130 17.81 3.97 -14.61
C SER A 130 17.72 5.47 -14.94
N SER A 131 17.50 5.82 -16.22
CA SER A 131 17.43 7.21 -16.67
C SER A 131 16.39 7.39 -17.79
N TRP A 132 15.96 8.64 -18.02
CA TRP A 132 14.95 8.96 -19.04
C TRP A 132 15.51 9.82 -20.17
N THR A 133 14.78 9.85 -21.31
CA THR A 133 15.09 10.58 -22.54
C THR A 133 13.91 11.48 -22.93
N ALA A 134 14.08 12.79 -22.73
CA ALA A 134 13.07 13.82 -23.02
C ALA A 134 13.22 14.44 -24.45
N ALA A 135 12.08 14.84 -25.08
CA ALA A 135 12.02 15.40 -26.44
C ALA A 135 12.02 16.94 -26.47
N ASP A 136 11.16 17.57 -25.65
CA ASP A 136 11.07 19.04 -25.56
C ASP A 136 10.94 19.47 -24.10
N THR A 137 11.00 20.80 -23.82
CA THR A 137 10.91 21.30 -22.44
C THR A 137 9.70 20.82 -21.62
N ALA A 138 8.62 20.35 -22.29
CA ALA A 138 7.41 19.79 -21.67
C ALA A 138 7.66 18.37 -21.21
N ALA A 139 8.57 17.65 -21.89
CA ALA A 139 8.90 16.28 -21.53
C ALA A 139 9.80 16.25 -20.29
N GLN A 140 10.65 17.28 -20.13
CA GLN A 140 11.53 17.45 -18.96
C GLN A 140 10.70 17.76 -17.70
N ILE A 141 9.46 18.27 -17.90
CA ILE A 141 8.50 18.54 -16.83
C ILE A 141 8.00 17.17 -16.32
N THR A 142 7.63 16.27 -17.25
CA THR A 142 7.17 14.91 -16.94
C THR A 142 8.28 14.11 -16.25
N GLN A 143 9.51 14.25 -16.74
CA GLN A 143 10.71 13.55 -16.25
C GLN A 143 10.96 13.86 -14.80
N ARG A 144 10.97 15.16 -14.42
CA ARG A 144 11.19 15.57 -13.02
C ARG A 144 10.17 14.99 -12.07
N LYS A 145 8.89 14.98 -12.50
CA LYS A 145 7.77 14.34 -11.77
C LYS A 145 8.03 12.83 -11.62
N TRP A 146 8.75 12.22 -12.59
CA TRP A 146 9.05 10.78 -12.62
C TRP A 146 10.28 10.41 -11.83
N GLU A 147 11.32 11.24 -11.84
CA GLU A 147 12.52 11.00 -11.03
C GLU A 147 12.08 11.00 -9.55
N ALA A 148 11.23 12.00 -9.16
CA ALA A 148 10.72 12.18 -7.79
C ALA A 148 9.90 10.99 -7.35
N ALA A 149 8.96 10.52 -8.22
CA ALA A 149 8.09 9.38 -7.96
C ALA A 149 8.76 8.03 -8.17
N ARG A 150 10.11 8.02 -8.33
CA ARG A 150 10.91 6.81 -8.51
C ARG A 150 10.30 5.86 -9.61
N VAL A 151 9.76 6.45 -10.71
CA VAL A 151 9.08 5.75 -11.82
C VAL A 151 9.91 4.67 -12.53
N ALA A 152 11.19 4.98 -12.84
CA ALA A 152 12.12 4.07 -13.53
C ALA A 152 12.35 2.80 -12.73
N GLU A 153 12.59 2.93 -11.40
CA GLU A 153 12.83 1.81 -10.48
C GLU A 153 11.67 0.86 -10.43
N GLN A 154 10.42 1.39 -10.47
CA GLN A 154 9.23 0.54 -10.53
C GLN A 154 9.18 -0.21 -11.88
N ARG A 155 9.43 0.49 -13.01
CA ARG A 155 9.42 -0.09 -14.37
C ARG A 155 10.49 -1.18 -14.55
N ARG A 156 11.72 -0.91 -14.05
CA ARG A 156 12.84 -1.85 -14.01
C ARG A 156 12.50 -3.09 -13.18
N ALA A 157 11.91 -2.92 -11.98
CA ALA A 157 11.57 -4.07 -11.13
C ALA A 157 10.48 -4.93 -11.76
N TYR A 158 9.58 -4.31 -12.53
CA TYR A 158 8.52 -5.00 -13.28
C TYR A 158 9.11 -5.76 -14.45
N LEU A 159 9.84 -5.04 -15.36
CA LEU A 159 10.51 -5.59 -16.55
C LEU A 159 11.41 -6.78 -16.24
N GLU A 160 12.17 -6.71 -15.13
CA GLU A 160 13.08 -7.76 -14.70
C GLU A 160 12.36 -8.88 -13.92
N GLY A 161 11.21 -8.56 -13.37
CA GLY A 161 10.42 -9.51 -12.60
C GLY A 161 9.17 -10.01 -13.30
N LEU A 162 8.00 -9.47 -12.91
CA LEU A 162 6.66 -9.77 -13.38
C LEU A 162 6.58 -10.08 -14.89
N CYS A 163 7.14 -9.16 -15.72
CA CYS A 163 7.18 -9.20 -17.17
C CYS A 163 7.91 -10.43 -17.72
N VAL A 164 9.06 -10.78 -17.12
CA VAL A 164 9.82 -11.96 -17.50
C VAL A 164 9.07 -13.26 -17.05
N GLU A 165 8.58 -13.31 -15.79
CA GLU A 165 7.84 -14.45 -15.24
C GLU A 165 6.58 -14.76 -16.04
N TRP A 166 5.82 -13.72 -16.40
CA TRP A 166 4.59 -13.90 -17.17
C TRP A 166 4.80 -14.23 -18.64
N LEU A 167 5.87 -13.71 -19.29
CA LEU A 167 6.21 -14.02 -20.67
C LEU A 167 6.56 -15.52 -20.80
N ARG A 168 7.53 -16.00 -19.97
CA ARG A 168 7.95 -17.40 -19.93
C ARG A 168 6.74 -18.33 -19.75
N ARG A 169 5.78 -17.93 -18.88
CA ARG A 169 4.52 -18.60 -18.56
C ARG A 169 3.55 -18.58 -19.76
N TYR A 170 3.48 -17.44 -20.49
CA TYR A 170 2.62 -17.32 -21.68
C TYR A 170 3.19 -18.18 -22.80
N LEU A 171 4.53 -18.19 -22.95
CA LEU A 171 5.27 -18.97 -23.93
C LEU A 171 5.12 -20.46 -23.69
N GLU A 172 5.01 -20.87 -22.41
CA GLU A 172 4.82 -22.25 -22.02
C GLU A 172 3.39 -22.73 -22.31
N ASN A 173 2.36 -21.99 -21.88
CA ASN A 173 0.95 -22.35 -22.08
C ASN A 173 0.54 -22.41 -23.55
N GLY A 174 1.11 -21.51 -24.36
CA GLY A 174 0.87 -21.40 -25.79
C GLY A 174 2.06 -21.78 -26.65
N LYS A 175 2.84 -22.81 -26.23
CA LYS A 175 4.03 -23.31 -26.95
C LYS A 175 3.76 -23.86 -28.35
N GLU A 176 2.57 -24.47 -28.55
CA GLU A 176 2.10 -25.07 -29.81
C GLU A 176 2.01 -24.03 -30.94
N THR A 177 1.75 -22.76 -30.58
CA THR A 177 1.60 -21.64 -31.50
C THR A 177 2.74 -20.61 -31.41
N LEU A 178 3.13 -20.21 -30.18
CA LEU A 178 4.18 -19.22 -29.95
C LEU A 178 5.59 -19.71 -30.28
N GLN A 179 5.94 -20.92 -29.80
CA GLN A 179 7.27 -21.51 -29.94
C GLN A 179 7.50 -22.28 -31.26
N ARG A 180 6.49 -22.28 -32.14
CA ARG A 180 6.57 -22.94 -33.44
C ARG A 180 6.82 -21.92 -34.55
N ALA A 181 7.57 -22.33 -35.59
CA ALA A 181 7.92 -21.49 -36.74
C ALA A 181 7.42 -22.08 -38.05
N ASP A 182 6.45 -21.39 -38.69
CA ASP A 182 5.85 -21.83 -39.96
C ASP A 182 6.68 -21.34 -41.15
N PRO A 183 7.22 -22.23 -42.03
CA PRO A 183 8.07 -21.75 -43.12
C PRO A 183 7.30 -21.17 -44.32
N PRO A 184 7.87 -20.17 -45.04
CA PRO A 184 7.13 -19.57 -46.17
C PRO A 184 6.96 -20.48 -47.37
N LYS A 185 5.74 -20.45 -47.93
CA LYS A 185 5.41 -21.14 -49.18
C LYS A 185 5.83 -20.11 -50.25
N THR A 186 6.80 -20.46 -51.10
CA THR A 186 7.33 -19.51 -52.09
C THR A 186 6.95 -19.83 -53.53
N HIS A 187 6.90 -18.76 -54.38
CA HIS A 187 6.57 -18.80 -55.81
C HIS A 187 7.14 -17.57 -56.55
N VAL A 188 7.45 -17.76 -57.85
CA VAL A 188 7.98 -16.73 -58.76
C VAL A 188 7.12 -16.69 -60.02
N LEU A 200 7.41 -10.25 -61.56
CA LEU A 200 8.38 -11.35 -61.54
C LEU A 200 7.68 -12.70 -61.16
N ARG A 201 7.18 -12.91 -59.92
CA ARG A 201 7.19 -12.03 -58.74
C ARG A 201 7.71 -12.82 -57.53
N CYS A 202 8.69 -12.27 -56.79
CA CYS A 202 9.25 -13.00 -55.63
C CYS A 202 8.28 -13.00 -54.43
N TRP A 203 7.37 -13.99 -54.38
CA TRP A 203 6.38 -14.17 -53.31
C TRP A 203 6.86 -15.05 -52.17
N ALA A 204 6.38 -14.77 -50.95
CA ALA A 204 6.62 -15.55 -49.74
C ALA A 204 5.30 -15.49 -48.95
N LEU A 205 4.52 -16.58 -48.99
CA LEU A 205 3.21 -16.67 -48.34
C LEU A 205 3.18 -17.68 -47.18
N GLY A 206 2.33 -17.39 -46.20
CA GLY A 206 2.01 -18.21 -45.04
C GLY A 206 3.11 -18.59 -44.07
N PHE A 207 3.91 -17.60 -43.65
CA PHE A 207 5.01 -17.84 -42.71
C PHE A 207 4.77 -17.22 -41.35
N TYR A 208 5.50 -17.69 -40.33
CA TYR A 208 5.44 -17.16 -38.98
C TYR A 208 6.76 -17.46 -38.23
N PRO A 209 7.40 -16.48 -37.55
CA PRO A 209 7.02 -15.07 -37.40
C PRO A 209 7.22 -14.24 -38.68
N ALA A 210 6.81 -12.94 -38.62
CA ALA A 210 6.87 -11.94 -39.70
C ALA A 210 8.27 -11.65 -40.26
N GLU A 211 9.32 -11.65 -39.40
CA GLU A 211 10.71 -11.38 -39.77
C GLU A 211 11.18 -12.34 -40.87
N ILE A 212 11.31 -11.77 -42.09
CA ILE A 212 11.72 -12.45 -43.30
C ILE A 212 12.56 -11.49 -44.13
N THR A 213 13.47 -12.06 -44.93
CA THR A 213 14.33 -11.29 -45.82
C THR A 213 14.18 -11.85 -47.22
N LEU A 214 13.71 -10.99 -48.15
CA LEU A 214 13.56 -11.31 -49.56
C LEU A 214 14.59 -10.43 -50.25
N THR A 215 15.54 -11.05 -50.98
CA THR A 215 16.64 -10.32 -51.61
C THR A 215 16.87 -10.79 -53.03
N GLN A 223 19.79 -2.75 -52.91
CA GLN A 223 19.81 -3.35 -54.25
C GLN A 223 18.78 -2.70 -55.18
N ASP A 224 17.98 -1.75 -54.64
CA ASP A 224 16.91 -0.99 -55.31
C ASP A 224 15.87 -1.90 -56.02
N THR A 225 15.04 -2.58 -55.20
CA THR A 225 13.97 -3.52 -55.61
C THR A 225 12.61 -3.15 -55.01
N GLU A 226 11.52 -3.77 -55.53
CA GLU A 226 10.15 -3.56 -55.06
C GLU A 226 9.87 -4.27 -53.70
N LEU A 227 10.22 -3.58 -52.59
CA LEU A 227 10.10 -4.06 -51.21
C LEU A 227 8.74 -3.66 -50.56
N VAL A 228 7.75 -4.59 -50.62
CA VAL A 228 6.40 -4.44 -50.06
C VAL A 228 6.43 -4.83 -48.58
N GLU A 229 5.67 -4.12 -47.73
CA GLU A 229 5.58 -4.35 -46.28
C GLU A 229 5.04 -5.76 -45.92
N THR A 230 5.40 -6.29 -44.73
CA THR A 230 4.93 -7.60 -44.29
C THR A 230 3.51 -7.46 -43.82
N ARG A 231 2.58 -8.11 -44.54
CA ARG A 231 1.15 -8.05 -44.29
C ARG A 231 0.54 -9.29 -43.61
N PRO A 232 -0.43 -9.14 -42.65
CA PRO A 232 -1.04 -10.33 -42.03
C PRO A 232 -2.05 -11.01 -42.96
N ALA A 233 -2.20 -12.32 -42.84
CA ALA A 233 -3.15 -13.03 -43.71
C ALA A 233 -4.56 -13.07 -43.13
N GLY A 234 -4.66 -13.44 -41.86
CA GLY A 234 -5.92 -13.58 -41.15
C GLY A 234 -6.01 -14.94 -40.50
N ASP A 235 -4.95 -15.75 -40.66
CA ASP A 235 -4.76 -17.07 -40.10
C ASP A 235 -3.55 -17.04 -39.16
N ARG A 236 -3.22 -15.83 -38.62
CA ARG A 236 -2.06 -15.54 -37.77
C ARG A 236 -0.71 -15.72 -38.56
N THR A 237 -0.82 -16.04 -39.88
CA THR A 237 0.30 -16.22 -40.81
C THR A 237 0.61 -14.90 -41.56
N PHE A 238 1.79 -14.82 -42.19
CA PHE A 238 2.24 -13.62 -42.88
C PHE A 238 2.60 -13.83 -44.34
N GLN A 239 2.56 -12.73 -45.12
CA GLN A 239 2.92 -12.72 -46.53
C GLN A 239 3.80 -11.53 -46.92
N LYS A 240 4.57 -11.66 -48.01
CA LYS A 240 5.49 -10.61 -48.51
C LYS A 240 5.97 -10.88 -49.93
N TRP A 241 6.29 -9.79 -50.66
CA TRP A 241 6.84 -9.78 -52.01
C TRP A 241 7.59 -8.49 -52.29
N CYS A 256 16.53 -14.07 -56.60
CA CYS A 256 16.18 -13.59 -55.25
C CYS A 256 16.07 -14.73 -54.22
N HIS A 257 16.56 -14.48 -52.99
CA HIS A 257 16.62 -15.46 -51.91
C HIS A 257 15.70 -15.19 -50.70
N VAL A 258 15.03 -16.27 -50.21
CA VAL A 258 14.13 -16.24 -49.06
C VAL A 258 14.80 -16.85 -47.81
N GLN A 259 15.17 -15.98 -46.86
CA GLN A 259 15.78 -16.35 -45.59
C GLN A 259 14.69 -16.19 -44.55
N HIS A 260 14.45 -17.24 -43.78
CA HIS A 260 13.44 -17.27 -42.72
C HIS A 260 13.86 -18.28 -41.66
N GLU A 261 13.37 -18.10 -40.42
CA GLU A 261 13.66 -18.94 -39.26
C GLU A 261 13.17 -20.38 -39.44
N GLY A 262 11.98 -20.53 -40.03
CA GLY A 262 11.33 -21.82 -40.31
C GLY A 262 12.00 -22.68 -41.36
N LEU A 263 13.02 -22.15 -42.05
CA LEU A 263 13.76 -22.86 -43.06
C LEU A 263 15.09 -23.32 -42.47
N PRO A 264 15.48 -24.61 -42.68
CA PRO A 264 16.78 -25.07 -42.17
C PRO A 264 17.91 -24.58 -43.07
N LYS A 265 17.56 -24.15 -44.30
CA LYS A 265 18.45 -23.67 -45.36
C LYS A 265 17.75 -22.53 -46.15
N PRO A 266 18.46 -21.38 -46.35
CA PRO A 266 17.86 -20.26 -47.12
C PRO A 266 17.53 -20.67 -48.55
N LEU A 267 16.27 -20.40 -48.97
CA LEU A 267 15.77 -20.76 -50.31
C LEU A 267 16.38 -19.95 -51.44
N THR A 268 16.67 -20.63 -52.56
CA THR A 268 17.22 -20.04 -53.78
C THR A 268 16.09 -20.06 -54.83
N LEU A 269 15.60 -18.88 -55.25
CA LEU A 269 14.51 -18.82 -56.24
C LEU A 269 14.89 -18.12 -57.54
N ARG A 270 14.37 -18.67 -58.66
CA ARG A 270 14.54 -18.22 -60.04
C ARG A 270 13.53 -18.98 -60.91
N TRP A 271 12.76 -18.27 -61.77
CA TRP A 271 11.76 -18.86 -62.68
C TRP A 271 11.45 -17.92 -63.85
N GLU A 272 11.43 -18.42 -65.12
CA GLU A 272 11.65 -19.82 -65.53
C GLU A 272 13.13 -20.12 -65.80
N ARG B 4 -0.30 11.80 -40.99
CA ARG B 4 0.19 10.69 -41.81
C ARG B 4 -0.94 10.05 -42.57
N THR B 5 -0.63 9.68 -43.83
CA THR B 5 -1.49 9.09 -44.85
C THR B 5 -1.48 7.55 -44.85
N PRO B 6 -2.67 6.89 -45.03
CA PRO B 6 -2.71 5.42 -45.05
C PRO B 6 -2.08 4.74 -46.27
N LYS B 7 -1.45 3.56 -46.05
CA LYS B 7 -0.84 2.71 -47.08
C LYS B 7 -1.80 1.52 -47.30
N ILE B 8 -2.71 1.64 -48.25
CA ILE B 8 -3.67 0.57 -48.57
C ILE B 8 -2.94 -0.61 -49.31
N GLN B 9 -3.40 -1.87 -49.09
CA GLN B 9 -2.91 -3.12 -49.70
C GLN B 9 -4.09 -4.10 -49.82
N VAL B 10 -4.55 -4.39 -51.04
CA VAL B 10 -5.70 -5.28 -51.27
C VAL B 10 -5.25 -6.62 -51.82
N TYR B 11 -5.53 -7.70 -51.05
CA TYR B 11 -5.12 -9.06 -51.38
C TYR B 11 -6.06 -10.12 -50.79
N SER B 12 -5.88 -11.37 -51.23
CA SER B 12 -6.62 -12.55 -50.75
C SER B 12 -5.78 -13.28 -49.69
N ARG B 13 -6.45 -13.95 -48.73
CA ARG B 13 -5.80 -14.72 -47.64
C ARG B 13 -4.99 -15.92 -48.16
N HIS B 14 -5.49 -16.58 -49.22
CA HIS B 14 -4.85 -17.75 -49.85
C HIS B 14 -4.66 -17.51 -51.35
N PRO B 15 -3.73 -18.22 -52.05
CA PRO B 15 -3.57 -18.01 -53.50
C PRO B 15 -4.89 -18.17 -54.27
N ALA B 16 -5.33 -17.07 -54.93
CA ALA B 16 -6.58 -16.86 -55.68
C ALA B 16 -7.13 -18.04 -56.49
N GLU B 17 -7.79 -18.96 -55.77
CA GLU B 17 -8.40 -20.15 -56.36
C GLU B 17 -9.89 -19.90 -56.62
N ASN B 18 -10.35 -20.24 -57.82
CA ASN B 18 -11.74 -20.10 -58.27
C ASN B 18 -12.76 -20.97 -57.52
N GLY B 19 -12.26 -21.93 -56.73
CA GLY B 19 -13.09 -22.85 -55.94
C GLY B 19 -13.80 -22.24 -54.74
N LYS B 20 -13.97 -20.89 -54.74
CA LYS B 20 -14.65 -20.07 -53.72
C LYS B 20 -14.24 -20.37 -52.25
N SER B 21 -12.93 -20.43 -51.99
CA SER B 21 -12.38 -20.68 -50.66
C SER B 21 -11.28 -19.65 -50.34
N ASN B 22 -11.68 -18.38 -50.18
CA ASN B 22 -10.75 -17.27 -49.90
C ASN B 22 -11.34 -16.19 -48.99
N PHE B 23 -10.54 -15.15 -48.69
CA PHE B 23 -10.90 -13.98 -47.87
C PHE B 23 -10.18 -12.73 -48.41
N LEU B 24 -10.92 -11.67 -48.81
CA LEU B 24 -10.27 -10.46 -49.34
C LEU B 24 -9.91 -9.47 -48.24
N ASN B 25 -8.60 -9.41 -47.93
CA ASN B 25 -8.04 -8.52 -46.92
C ASN B 25 -7.73 -7.14 -47.48
N CYS B 26 -7.49 -6.17 -46.57
CA CYS B 26 -7.15 -4.78 -46.86
C CYS B 26 -6.29 -4.23 -45.73
N TYR B 27 -4.95 -4.30 -45.87
CA TYR B 27 -4.00 -3.85 -44.84
C TYR B 27 -3.64 -2.40 -45.03
N VAL B 28 -4.41 -1.57 -44.35
CA VAL B 28 -4.22 -0.14 -44.31
C VAL B 28 -3.41 0.16 -43.07
N SER B 29 -2.18 0.60 -43.28
CA SER B 29 -1.19 0.90 -42.25
C SER B 29 -0.57 2.27 -42.48
N GLY B 30 0.20 2.75 -41.50
CA GLY B 30 0.87 4.04 -41.54
C GLY B 30 0.02 5.28 -41.27
N PHE B 31 -1.26 5.12 -40.88
CA PHE B 31 -2.17 6.24 -40.67
C PHE B 31 -2.30 6.82 -39.26
N HIS B 32 -2.42 8.13 -39.20
CA HIS B 32 -2.64 8.93 -38.01
C HIS B 32 -3.57 10.08 -38.43
N PRO B 33 -4.66 10.35 -37.68
CA PRO B 33 -5.13 9.68 -36.46
C PRO B 33 -5.94 8.40 -36.72
N SER B 34 -6.03 7.53 -35.69
CA SER B 34 -6.71 6.23 -35.62
C SER B 34 -8.05 6.10 -36.36
N ASP B 35 -8.82 7.20 -36.40
CA ASP B 35 -10.12 7.26 -37.07
C ASP B 35 -9.92 7.09 -38.58
N ILE B 36 -10.61 6.09 -39.15
CA ILE B 36 -10.52 5.66 -40.56
C ILE B 36 -11.85 5.02 -41.03
N GLU B 37 -12.09 5.01 -42.35
CA GLU B 37 -13.27 4.45 -42.99
C GLU B 37 -12.85 3.55 -44.15
N VAL B 38 -12.81 2.23 -43.92
CA VAL B 38 -12.42 1.27 -44.94
C VAL B 38 -13.64 0.47 -45.40
N ASP B 39 -13.89 0.47 -46.73
CA ASP B 39 -15.03 -0.23 -47.33
C ASP B 39 -14.61 -1.29 -48.35
N LEU B 40 -15.23 -2.49 -48.24
CA LEU B 40 -15.02 -3.60 -49.16
C LEU B 40 -16.15 -3.58 -50.18
N LEU B 41 -15.79 -3.60 -51.47
CA LEU B 41 -16.70 -3.48 -52.60
C LEU B 41 -17.04 -4.83 -53.25
N LYS B 42 -18.24 -4.93 -53.87
CA LYS B 42 -18.66 -6.08 -54.66
C LYS B 42 -18.24 -5.71 -56.10
N ASN B 43 -19.03 -6.04 -57.14
CA ASN B 43 -18.67 -5.63 -58.51
C ASN B 43 -18.98 -4.14 -58.74
N GLY B 44 -19.69 -3.55 -57.79
CA GLY B 44 -20.06 -2.14 -57.76
C GLY B 44 -19.28 -1.44 -56.66
N GLU B 45 -19.97 -1.07 -55.56
CA GLU B 45 -19.37 -0.39 -54.40
C GLU B 45 -20.06 -0.66 -53.04
N ARG B 46 -20.52 -1.91 -52.81
CA ARG B 46 -21.18 -2.31 -51.56
C ARG B 46 -20.83 -3.74 -51.15
N LEU B 47 -20.85 -4.02 -49.82
CA LEU B 47 -20.62 -5.33 -49.18
C LEU B 47 -20.81 -5.30 -47.66
N GLU B 48 -21.48 -6.35 -47.14
CA GLU B 48 -21.76 -6.54 -45.71
C GLU B 48 -22.02 -8.05 -45.44
N LYS B 49 -21.62 -8.61 -44.27
CA LYS B 49 -20.95 -7.93 -43.14
C LYS B 49 -19.45 -8.21 -43.09
N VAL B 50 -18.66 -7.17 -43.36
CA VAL B 50 -17.19 -7.20 -43.39
C VAL B 50 -16.61 -7.49 -41.99
N GLU B 51 -15.63 -8.41 -41.92
CA GLU B 51 -14.94 -8.78 -40.68
C GLU B 51 -13.98 -7.66 -40.30
N HIS B 52 -14.00 -7.30 -39.02
CA HIS B 52 -13.28 -6.22 -38.35
C HIS B 52 -11.97 -6.66 -37.69
N SER B 53 -10.95 -5.80 -37.66
CA SER B 53 -9.69 -6.13 -36.97
C SER B 53 -9.38 -5.11 -35.89
N ASP B 54 -9.21 -5.58 -34.63
CA ASP B 54 -8.93 -4.74 -33.46
C ASP B 54 -7.71 -3.85 -33.62
N LEU B 55 -7.96 -2.54 -33.75
CA LEU B 55 -7.01 -1.44 -33.97
C LEU B 55 -5.85 -1.43 -32.97
N SER B 56 -4.63 -1.27 -33.52
CA SER B 56 -3.35 -1.23 -32.80
C SER B 56 -2.42 -0.19 -33.45
N PHE B 57 -1.16 -0.07 -32.95
CA PHE B 57 -0.19 0.87 -33.49
C PHE B 57 1.19 0.27 -33.55
N SER B 58 1.96 0.75 -34.53
CA SER B 58 3.32 0.31 -34.80
C SER B 58 4.31 1.14 -33.99
N LYS B 59 5.59 0.68 -33.99
CA LYS B 59 6.75 1.27 -33.33
C LYS B 59 6.94 2.75 -33.63
N ASP B 60 6.57 3.18 -34.86
CA ASP B 60 6.67 4.55 -35.34
C ASP B 60 5.39 5.38 -35.01
N TRP B 61 4.58 4.90 -34.06
CA TRP B 61 3.33 5.51 -33.59
C TRP B 61 2.12 5.49 -34.54
N SER B 62 2.27 4.93 -35.75
CA SER B 62 1.19 4.87 -36.72
C SER B 62 0.25 3.69 -36.49
N PHE B 63 -1.03 3.85 -36.88
CA PHE B 63 -2.08 2.86 -36.72
C PHE B 63 -2.24 1.92 -37.92
N TYR B 64 -2.61 0.66 -37.64
CA TYR B 64 -2.83 -0.36 -38.66
C TYR B 64 -4.03 -1.23 -38.30
N LEU B 65 -4.67 -1.80 -39.33
CA LEU B 65 -5.81 -2.73 -39.23
C LEU B 65 -6.07 -3.41 -40.58
N LEU B 66 -7.14 -4.22 -40.66
CA LEU B 66 -7.54 -4.90 -41.88
C LEU B 66 -8.99 -5.31 -41.92
N TYR B 67 -9.63 -5.23 -43.08
CA TYR B 67 -11.02 -5.64 -43.21
C TYR B 67 -11.14 -6.80 -44.21
N TYR B 68 -12.10 -7.73 -43.98
CA TYR B 68 -12.22 -8.96 -44.78
C TYR B 68 -13.60 -9.66 -44.89
N THR B 69 -13.91 -10.24 -46.07
CA THR B 69 -15.15 -10.98 -46.38
C THR B 69 -14.87 -12.43 -46.85
N GLU B 70 -15.91 -13.30 -46.78
CA GLU B 70 -15.83 -14.74 -47.12
C GLU B 70 -15.62 -15.12 -48.60
N PHE B 71 -15.55 -14.12 -49.51
CA PHE B 71 -15.35 -14.31 -50.96
C PHE B 71 -16.43 -15.13 -51.64
N VAL B 83 -11.17 3.32 -49.04
CA VAL B 83 -10.63 3.94 -47.83
C VAL B 83 -10.89 5.45 -47.78
N ASN B 84 -11.39 5.93 -46.63
CA ASN B 84 -11.57 7.36 -46.36
C ASN B 84 -10.91 7.73 -45.04
N HIS B 85 -10.05 8.76 -45.08
CA HIS B 85 -9.27 9.30 -43.95
C HIS B 85 -9.17 10.81 -44.12
N VAL B 86 -9.05 11.53 -43.01
CA VAL B 86 -8.92 13.01 -42.91
C VAL B 86 -7.82 13.62 -43.83
N THR B 87 -6.75 12.85 -44.14
CA THR B 87 -5.64 13.29 -45.00
C THR B 87 -5.95 13.12 -46.51
N LEU B 88 -7.08 12.41 -46.81
CA LEU B 88 -7.59 12.14 -48.16
C LEU B 88 -8.90 12.92 -48.37
N SER B 89 -8.87 13.97 -49.24
CA SER B 89 -10.05 14.80 -49.56
C SER B 89 -11.16 13.99 -50.25
N GLN B 90 -10.76 12.98 -51.04
CA GLN B 90 -11.67 12.08 -51.74
C GLN B 90 -11.30 10.61 -51.42
N PRO B 91 -12.29 9.68 -51.31
CA PRO B 91 -11.94 8.29 -50.98
C PRO B 91 -10.99 7.62 -51.96
N LYS B 92 -9.83 7.15 -51.44
CA LYS B 92 -8.82 6.45 -52.22
C LYS B 92 -9.30 5.01 -52.38
N ILE B 93 -10.06 4.77 -53.47
CA ILE B 93 -10.62 3.46 -53.79
C ILE B 93 -9.63 2.73 -54.69
N VAL B 94 -8.84 1.81 -54.11
CA VAL B 94 -7.83 1.06 -54.83
C VAL B 94 -8.09 -0.47 -54.86
N LYS B 95 -8.89 -0.91 -55.86
CA LYS B 95 -9.27 -2.30 -56.13
C LYS B 95 -8.11 -2.98 -56.88
N TRP B 96 -8.33 -4.18 -57.48
CA TRP B 96 -7.36 -5.01 -58.21
C TRP B 96 -6.32 -5.59 -57.18
N ASP B 97 -5.52 -6.65 -57.49
CA ASP B 97 -5.36 -7.50 -58.66
C ASP B 97 -4.72 -8.78 -58.14
N ARG B 98 -5.21 -9.97 -58.58
CA ARG B 98 -4.67 -11.26 -58.13
C ARG B 98 -3.16 -11.41 -58.33
N ASP B 99 -2.62 -10.76 -59.39
CA ASP B 99 -1.22 -10.75 -59.79
C ASP B 99 -0.22 -10.15 -58.76
N MET B 100 -0.66 -9.17 -57.94
CA MET B 100 0.21 -8.51 -56.94
C MET B 100 -0.50 -8.09 -55.64
N HIS C 1 1.33 -10.00 -18.43
CA HIS C 1 0.76 -9.28 -17.27
C HIS C 1 1.19 -7.81 -17.29
N PRO C 2 0.23 -6.87 -17.24
CA PRO C 2 0.60 -5.43 -17.26
C PRO C 2 1.21 -4.91 -15.94
N VAL C 3 1.79 -3.68 -16.00
CA VAL C 3 2.39 -2.99 -14.84
C VAL C 3 1.41 -2.01 -14.30
N GLY C 4 1.29 -1.99 -12.98
CA GLY C 4 0.41 -1.05 -12.31
C GLY C 4 1.04 0.31 -12.29
N ASP C 5 0.21 1.34 -12.26
CA ASP C 5 0.71 2.70 -12.11
C ASP C 5 0.50 3.03 -10.66
N ALA C 6 1.60 3.37 -9.97
CA ALA C 6 1.57 3.81 -8.58
C ALA C 6 1.00 5.24 -8.57
N ASP C 7 1.02 5.89 -7.41
CA ASP C 7 0.58 7.26 -7.19
C ASP C 7 1.67 8.21 -7.74
N TYR C 8 1.27 9.40 -8.26
CA TYR C 8 2.15 10.44 -8.81
C TYR C 8 2.92 10.03 -10.08
N PHE C 9 2.39 9.03 -10.82
CA PHE C 9 2.99 8.46 -12.03
C PHE C 9 2.51 9.15 -13.34
N GLU C 10 1.61 10.16 -13.21
CA GLU C 10 1.04 10.96 -14.30
C GLU C 10 2.05 11.74 -15.16
N TYR C 11 1.58 12.19 -16.33
CA TYR C 11 2.39 12.95 -17.27
C TYR C 11 2.45 14.41 -16.81
N GLU D 3 -3.62 -13.37 -3.15
CA GLU D 3 -2.33 -13.15 -3.78
C GLU D 3 -1.38 -12.30 -2.91
N ASP D 4 -1.80 -11.09 -2.47
CA ASP D 4 -0.96 -10.24 -1.59
C ASP D 4 -1.13 -10.69 -0.16
N GLN D 5 -0.02 -11.16 0.44
CA GLN D 5 0.02 -11.59 1.83
C GLN D 5 1.39 -11.39 2.46
N VAL D 6 1.39 -10.93 3.71
CA VAL D 6 2.60 -10.70 4.50
C VAL D 6 2.49 -11.52 5.78
N THR D 7 3.55 -12.26 6.15
CA THR D 7 3.59 -13.07 7.36
C THR D 7 4.82 -12.71 8.16
N GLN D 8 4.62 -12.17 9.35
CA GLN D 8 5.71 -11.82 10.24
C GLN D 8 5.84 -12.89 11.32
N SER D 9 7.07 -13.08 11.79
CA SER D 9 7.39 -14.08 12.78
C SER D 9 8.65 -13.71 13.56
N PRO D 10 8.61 -13.91 14.90
CA PRO D 10 7.48 -14.44 15.69
C PRO D 10 6.46 -13.32 16.02
N GLU D 11 5.22 -13.65 16.42
CA GLU D 11 4.21 -12.64 16.82
C GLU D 11 4.69 -11.77 18.01
N ALA D 12 5.27 -12.41 19.03
CA ALA D 12 5.86 -11.76 20.19
C ALA D 12 7.30 -12.24 20.31
N LEU D 13 8.17 -11.34 20.71
CA LEU D 13 9.59 -11.58 20.86
C LEU D 13 9.95 -11.00 22.20
N ARG D 14 10.64 -11.80 23.01
CA ARG D 14 11.02 -11.38 24.36
C ARG D 14 12.53 -11.41 24.46
N LEU D 15 13.14 -10.23 24.64
CA LEU D 15 14.60 -10.11 24.69
C LEU D 15 15.13 -9.49 25.96
N GLN D 16 16.36 -9.81 26.26
CA GLN D 16 17.05 -9.19 27.35
C GLN D 16 17.78 -7.99 26.72
N GLU D 17 18.06 -6.98 27.52
CA GLU D 17 18.77 -5.79 27.06
C GLU D 17 20.16 -6.24 26.58
N GLY D 18 20.56 -5.74 25.40
CA GLY D 18 21.85 -6.03 24.78
C GLY D 18 21.89 -7.31 23.95
N GLU D 19 20.84 -8.15 24.05
CA GLU D 19 20.70 -9.45 23.35
C GLU D 19 20.07 -9.25 21.98
N SER D 20 20.86 -9.40 20.93
CA SER D 20 20.46 -9.20 19.54
C SER D 20 19.51 -10.26 19.04
N SER D 21 18.67 -9.89 18.07
CA SER D 21 17.73 -10.80 17.44
C SER D 21 17.33 -10.32 16.04
N SER D 22 16.65 -11.20 15.33
CA SER D 22 16.13 -11.00 13.99
C SER D 22 14.61 -11.18 13.99
N LEU D 23 13.97 -10.31 13.27
CA LEU D 23 12.52 -10.29 13.08
C LEU D 23 12.33 -10.67 11.63
N ASN D 24 11.43 -11.62 11.39
CA ASN D 24 11.21 -12.12 10.05
C ASN D 24 9.92 -11.60 9.45
N CYS D 25 9.90 -11.43 8.11
CA CYS D 25 8.74 -10.97 7.35
C CYS D 25 8.68 -11.60 5.95
N SER D 26 7.89 -12.66 5.76
CA SER D 26 7.75 -13.32 4.47
C SER D 26 6.61 -12.70 3.70
N TYR D 27 6.74 -12.61 2.40
CA TYR D 27 5.69 -11.97 1.61
C TYR D 27 5.52 -12.62 0.27
N THR D 28 4.36 -12.39 -0.35
CA THR D 28 4.07 -12.80 -1.73
C THR D 28 3.37 -11.63 -2.39
N VAL D 29 3.74 -11.35 -3.62
CA VAL D 29 3.21 -10.27 -4.45
C VAL D 29 3.27 -10.74 -5.88
N SER D 30 2.54 -10.07 -6.80
CA SER D 30 2.62 -10.33 -8.25
C SER D 30 4.01 -9.84 -8.60
N GLY D 31 4.36 -8.66 -8.09
CA GLY D 31 5.68 -8.08 -8.24
C GLY D 31 5.94 -7.07 -7.16
N LEU D 32 7.19 -6.93 -6.72
CA LEU D 32 7.53 -5.98 -5.64
C LEU D 32 7.98 -4.59 -6.05
N ARG D 33 7.24 -3.53 -5.60
CA ARG D 33 7.64 -2.14 -5.80
C ARG D 33 8.62 -1.85 -4.63
N GLY D 34 8.17 -2.04 -3.42
CA GLY D 34 8.98 -1.88 -2.21
C GLY D 34 8.46 -2.64 -1.00
N LEU D 35 9.35 -2.80 -0.02
CA LEU D 35 9.06 -3.47 1.24
C LEU D 35 9.29 -2.43 2.35
N PHE D 36 8.28 -2.22 3.18
CA PHE D 36 8.33 -1.19 4.23
C PHE D 36 8.37 -1.74 5.65
N TRP D 37 9.19 -1.11 6.49
CA TRP D 37 9.34 -1.32 7.91
C TRP D 37 8.85 -0.08 8.64
N TYR D 38 7.98 -0.33 9.61
CA TYR D 38 7.30 0.64 10.44
C TYR D 38 7.45 0.17 11.86
N ARG D 39 7.41 1.14 12.75
CA ARG D 39 7.46 0.91 14.17
C ARG D 39 6.20 1.55 14.75
N GLN D 40 5.47 0.78 15.56
CA GLN D 40 4.26 1.27 16.18
C GLN D 40 4.36 1.11 17.68
N ASP D 41 4.13 2.22 18.39
CA ASP D 41 4.04 2.27 19.84
C ASP D 41 2.57 2.02 20.23
N PRO D 42 2.27 1.35 21.38
CA PRO D 42 0.85 1.05 21.71
C PRO D 42 -0.14 2.23 21.58
N GLY D 43 -1.22 1.99 20.82
CA GLY D 43 -2.27 2.95 20.50
C GLY D 43 -1.90 4.16 19.64
N LYS D 44 -0.69 4.16 19.04
CA LYS D 44 -0.17 5.28 18.22
C LYS D 44 -0.08 4.90 16.75
N GLY D 45 0.06 5.91 15.88
CA GLY D 45 0.15 5.70 14.44
C GLY D 45 1.45 5.03 14.03
N PRO D 46 1.45 4.08 13.06
CA PRO D 46 2.72 3.45 12.63
C PRO D 46 3.73 4.50 12.14
N GLU D 47 5.00 4.39 12.61
CA GLU D 47 6.08 5.33 12.22
C GLU D 47 7.07 4.67 11.30
N PHE D 48 7.27 5.27 10.13
CA PHE D 48 8.18 4.86 9.05
C PHE D 48 9.64 4.79 9.45
N LEU D 49 10.26 3.62 9.24
CA LEU D 49 11.70 3.38 9.50
C LEU D 49 12.45 3.48 8.16
N PHE D 50 12.23 2.49 7.28
CA PHE D 50 12.86 2.43 5.96
C PHE D 50 12.11 1.67 4.86
N THR D 51 12.62 1.81 3.66
CA THR D 51 12.10 1.20 2.45
C THR D 51 13.22 0.50 1.68
N LEU D 52 12.98 -0.77 1.33
CA LEU D 52 13.90 -1.61 0.56
C LEU D 52 13.21 -1.83 -0.76
N TYR D 53 13.83 -1.35 -1.82
CA TYR D 53 13.29 -1.44 -3.17
C TYR D 53 13.62 -2.73 -3.92
N SER D 54 14.84 -3.25 -3.76
CA SER D 54 15.28 -4.48 -4.44
C SER D 54 15.98 -5.42 -3.49
N ALA D 55 16.17 -6.69 -3.90
CA ALA D 55 16.91 -7.71 -3.15
C ALA D 55 18.40 -7.33 -3.14
N GLY D 56 19.06 -7.55 -2.02
CA GLY D 56 20.46 -7.22 -1.84
C GLY D 56 20.64 -5.87 -1.17
N GLU D 57 19.59 -5.01 -1.27
CA GLU D 57 19.55 -3.69 -0.65
C GLU D 57 19.60 -3.82 0.87
N GLU D 58 20.13 -2.78 1.52
CA GLU D 58 20.31 -2.75 2.96
C GLU D 58 20.14 -1.33 3.47
N LYS D 59 19.35 -1.17 4.53
CA LYS D 59 19.12 0.10 5.17
C LYS D 59 19.40 -0.12 6.64
N GLU D 60 20.07 0.86 7.28
CA GLU D 60 20.46 0.79 8.68
C GLU D 60 20.19 2.13 9.33
N LYS D 61 19.44 2.12 10.43
CA LYS D 61 19.13 3.33 11.20
C LYS D 61 19.40 2.99 12.66
N GLU D 62 20.56 3.44 13.18
CA GLU D 62 21.02 3.20 14.56
C GLU D 62 21.21 1.69 14.75
N ARG D 63 20.52 1.09 15.73
CA ARG D 63 20.58 -0.33 16.09
C ARG D 63 19.71 -1.26 15.17
N LEU D 64 19.07 -0.69 14.13
CA LEU D 64 18.20 -1.44 13.22
C LEU D 64 18.85 -1.60 11.85
N LYS D 65 18.80 -2.81 11.29
CA LYS D 65 19.38 -3.15 9.99
C LYS D 65 18.36 -4.01 9.25
N ALA D 66 17.97 -3.58 8.04
CA ALA D 66 16.96 -4.28 7.26
C ALA D 66 17.49 -4.83 5.94
N THR D 67 17.31 -6.14 5.76
CA THR D 67 17.74 -6.89 4.59
C THR D 67 16.56 -7.35 3.72
N LEU D 68 16.82 -7.59 2.43
CA LEU D 68 15.79 -8.02 1.49
C LEU D 68 16.23 -9.17 0.56
N THR D 69 15.36 -10.20 0.46
CA THR D 69 15.49 -11.33 -0.46
C THR D 69 14.20 -11.33 -1.30
N LYS D 70 14.12 -12.24 -2.29
CA LYS D 70 12.95 -12.45 -3.15
C LYS D 70 11.71 -12.94 -2.39
N LYS D 71 11.90 -13.59 -1.21
CA LYS D 71 10.81 -14.20 -0.42
C LYS D 71 10.61 -13.62 0.98
N GLU D 72 11.67 -13.04 1.56
CA GLU D 72 11.68 -12.52 2.93
C GLU D 72 12.45 -11.22 3.04
N SER D 73 12.23 -10.53 4.19
CA SER D 73 12.95 -9.38 4.70
C SER D 73 13.21 -9.59 6.19
N PHE D 74 14.40 -9.19 6.63
CA PHE D 74 14.77 -9.31 8.04
C PHE D 74 15.05 -7.99 8.64
N LEU D 75 14.58 -7.79 9.89
CA LEU D 75 14.96 -6.60 10.62
C LEU D 75 15.89 -7.09 11.73
N HIS D 76 17.18 -6.77 11.60
CA HIS D 76 18.16 -7.18 12.60
C HIS D 76 18.25 -6.11 13.69
N ILE D 77 18.09 -6.52 14.95
CA ILE D 77 18.18 -5.58 16.07
C ILE D 77 19.39 -5.91 16.93
N THR D 78 20.44 -5.11 16.80
CA THR D 78 21.69 -5.26 17.52
C THR D 78 21.57 -4.57 18.88
N ALA D 79 22.14 -5.22 19.92
CA ALA D 79 22.15 -4.77 21.32
C ALA D 79 20.88 -3.97 21.74
N PRO D 80 19.66 -4.51 21.62
CA PRO D 80 18.49 -3.70 21.99
C PRO D 80 18.46 -3.10 23.39
N LYS D 81 17.68 -2.02 23.51
CA LYS D 81 17.47 -1.30 24.75
C LYS D 81 15.96 -1.34 25.05
N PRO D 82 15.50 -1.14 26.33
CA PRO D 82 14.04 -1.16 26.60
C PRO D 82 13.22 -0.21 25.73
N GLU D 83 13.83 0.95 25.37
N GLU D 83 13.82 0.94 25.37
CA GLU D 83 13.25 2.01 24.53
CA GLU D 83 13.24 2.00 24.54
C GLU D 83 12.93 1.52 23.09
C GLU D 83 12.91 1.51 23.10
N ASP D 84 13.55 0.42 22.67
CA ASP D 84 13.32 -0.18 21.35
C ASP D 84 12.01 -1.03 21.34
N SER D 85 11.38 -1.22 22.51
CA SER D 85 10.18 -2.02 22.66
C SER D 85 9.01 -1.37 21.97
N ALA D 86 8.45 -2.10 21.01
CA ALA D 86 7.32 -1.67 20.20
C ALA D 86 6.94 -2.87 19.39
N THR D 87 5.93 -2.72 18.53
CA THR D 87 5.55 -3.77 17.59
C THR D 87 6.05 -3.27 16.24
N TYR D 88 6.81 -4.12 15.56
CA TYR D 88 7.44 -3.81 14.28
C TYR D 88 6.65 -4.31 13.15
N LEU D 89 6.26 -3.39 12.26
CA LEU D 89 5.41 -3.78 11.14
C LEU D 89 6.09 -3.83 9.82
N CYS D 90 5.68 -4.79 9.04
CA CYS D 90 6.16 -4.96 7.71
C CYS D 90 5.03 -4.83 6.70
N ALA D 91 5.29 -4.09 5.62
CA ALA D 91 4.31 -3.85 4.58
C ALA D 91 4.92 -4.01 3.22
N VAL D 92 4.11 -4.39 2.28
CA VAL D 92 4.55 -4.69 0.94
C VAL D 92 3.75 -3.88 -0.09
N GLN D 93 4.43 -3.46 -1.17
CA GLN D 93 3.82 -2.74 -2.27
C GLN D 93 3.93 -3.56 -3.56
N ASP D 94 2.79 -3.78 -4.24
CA ASP D 94 2.68 -4.59 -5.46
C ASP D 94 2.71 -3.75 -6.74
N LEU D 95 3.61 -4.08 -7.68
CA LEU D 95 3.65 -3.38 -8.96
C LEU D 95 2.75 -4.05 -10.01
N GLY D 96 2.01 -5.08 -9.58
CA GLY D 96 1.02 -5.80 -10.37
C GLY D 96 -0.39 -5.28 -10.15
N THR D 97 -0.51 -4.17 -9.36
CA THR D 97 -1.71 -3.39 -8.99
C THR D 97 -1.46 -1.85 -9.03
N SER D 98 -2.57 -1.08 -9.02
CA SER D 98 -2.57 0.38 -9.06
C SER D 98 -2.43 1.01 -7.69
N GLY D 99 -1.69 2.11 -7.64
CA GLY D 99 -1.49 2.89 -6.44
C GLY D 99 -0.33 2.49 -5.56
N SER D 100 -0.31 3.13 -4.37
CA SER D 100 0.75 2.98 -3.38
C SER D 100 0.29 2.24 -2.12
N ARG D 101 -0.88 1.58 -2.19
CA ARG D 101 -1.42 0.85 -1.03
C ARG D 101 -0.44 -0.18 -0.45
N LEU D 102 -0.53 -0.38 0.84
CA LEU D 102 0.32 -1.33 1.55
C LEU D 102 -0.51 -2.47 2.13
N THR D 103 0.02 -3.68 2.01
CA THR D 103 -0.55 -4.87 2.62
C THR D 103 0.36 -5.11 3.81
N PHE D 104 -0.21 -5.03 5.04
CA PHE D 104 0.54 -5.17 6.26
C PHE D 104 0.61 -6.54 6.78
N GLY D 105 1.69 -6.81 7.49
CA GLY D 105 1.85 -8.03 8.27
C GLY D 105 1.16 -7.75 9.59
N GLU D 106 1.00 -8.77 10.42
CA GLU D 106 0.31 -8.58 11.69
C GLU D 106 1.20 -8.01 12.79
N GLY D 107 2.49 -7.87 12.51
CA GLY D 107 3.47 -7.34 13.45
C GLY D 107 4.18 -8.38 14.30
N THR D 108 5.35 -7.96 14.82
CA THR D 108 6.20 -8.67 15.74
C THR D 108 6.28 -7.75 16.94
N GLN D 109 5.67 -8.18 18.06
CA GLN D 109 5.63 -7.41 19.29
C GLN D 109 6.92 -7.65 20.08
N LEU D 110 7.77 -6.62 20.17
CA LEU D 110 9.04 -6.73 20.87
C LEU D 110 9.02 -6.12 22.26
N THR D 111 9.45 -6.88 23.29
CA THR D 111 9.61 -6.37 24.65
C THR D 111 11.03 -6.63 25.06
N VAL D 112 11.75 -5.57 25.45
CA VAL D 112 13.15 -5.68 25.86
C VAL D 112 13.19 -5.53 27.37
N ASN D 113 13.43 -6.66 28.06
CA ASN D 113 13.51 -6.70 29.51
C ASN D 113 14.82 -5.99 29.95
N PRO D 114 14.75 -4.92 30.75
CA PRO D 114 15.98 -4.16 31.08
C PRO D 114 16.96 -4.84 32.01
N ASN D 115 18.19 -4.33 32.04
CA ASN D 115 19.21 -4.83 32.96
C ASN D 115 19.09 -4.01 34.26
N ILE D 116 19.01 -4.70 35.41
CA ILE D 116 18.92 -4.06 36.72
C ILE D 116 20.29 -4.11 37.41
N GLN D 117 21.04 -3.01 37.29
CA GLN D 117 22.40 -2.86 37.80
C GLN D 117 22.61 -3.14 39.29
N ASN D 118 21.90 -2.44 40.18
CA ASN D 118 22.04 -2.66 41.62
C ASN D 118 20.69 -2.87 42.30
N PRO D 119 20.12 -4.11 42.22
CA PRO D 119 18.80 -4.34 42.84
C PRO D 119 18.83 -4.19 44.37
N ASP D 120 17.69 -3.73 44.92
CA ASP D 120 17.47 -3.53 46.35
C ASP D 120 15.98 -3.79 46.60
N PRO D 121 15.49 -5.06 46.37
CA PRO D 121 14.05 -5.33 46.50
C PRO D 121 13.45 -4.93 47.82
N ALA D 122 12.27 -4.28 47.78
CA ALA D 122 11.55 -3.82 48.96
C ALA D 122 10.08 -3.59 48.72
N VAL D 123 9.24 -3.80 49.75
CA VAL D 123 7.82 -3.53 49.69
C VAL D 123 7.51 -2.40 50.67
N TYR D 124 7.00 -1.29 50.14
CA TYR D 124 6.64 -0.10 50.87
C TYR D 124 5.14 0.14 50.89
N GLN D 125 4.66 0.80 51.97
CA GLN D 125 3.28 1.23 52.19
C GLN D 125 3.17 2.73 51.96
N LEU D 126 2.15 3.15 51.18
CA LEU D 126 1.90 4.56 50.85
C LEU D 126 0.51 4.96 51.29
N ARG D 127 0.37 6.19 51.77
CA ARG D 127 -0.91 6.73 52.20
C ARG D 127 -1.35 7.78 51.20
N ASP D 128 -2.67 8.02 51.11
CA ASP D 128 -3.23 9.04 50.22
C ASP D 128 -3.02 10.45 50.78
N SER D 129 -2.99 11.45 49.88
CA SER D 129 -2.88 12.86 50.22
C SER D 129 -4.21 13.35 50.80
N LYS D 130 -5.33 12.93 50.17
CA LYS D 130 -6.70 13.31 50.54
C LYS D 130 -7.35 12.41 51.63
N SER D 131 -7.65 11.15 51.29
CA SER D 131 -8.30 10.18 52.19
C SER D 131 -7.37 9.46 53.18
N SER D 132 -7.97 8.81 54.20
CA SER D 132 -7.27 8.06 55.25
C SER D 132 -7.36 6.54 55.08
N ASP D 133 -8.57 6.00 54.78
CA ASP D 133 -8.86 4.56 54.62
C ASP D 133 -8.30 3.92 53.31
N LYS D 134 -7.79 4.74 52.36
CA LYS D 134 -7.23 4.27 51.09
C LYS D 134 -5.70 4.22 51.12
N SER D 135 -5.12 3.09 50.69
CA SER D 135 -3.68 2.89 50.68
C SER D 135 -3.21 1.90 49.63
N VAL D 136 -1.98 2.13 49.12
CA VAL D 136 -1.33 1.26 48.15
C VAL D 136 -0.06 0.65 48.74
N CYS D 137 0.31 -0.53 48.21
CA CYS D 137 1.51 -1.30 48.54
C CYS D 137 2.30 -1.30 47.26
N LEU D 138 3.58 -0.96 47.33
CA LEU D 138 4.49 -0.86 46.19
C LEU D 138 5.71 -1.80 46.29
N PHE D 139 5.85 -2.76 45.35
CA PHE D 139 7.02 -3.65 45.27
C PHE D 139 7.99 -2.94 44.30
N THR D 140 9.22 -2.66 44.75
CA THR D 140 10.17 -1.90 43.93
C THR D 140 11.63 -2.30 44.12
N ASP D 141 12.48 -1.87 43.16
CA ASP D 141 13.92 -2.07 43.11
C ASP D 141 14.37 -3.53 42.91
N PHE D 142 13.48 -4.37 42.36
CA PHE D 142 13.79 -5.77 42.05
C PHE D 142 14.50 -5.92 40.68
N ASP D 143 15.19 -7.06 40.48
CA ASP D 143 15.92 -7.36 39.24
C ASP D 143 14.99 -7.76 38.08
N SER D 144 15.59 -7.94 36.90
CA SER D 144 14.95 -8.34 35.63
C SER D 144 14.37 -9.76 35.68
N GLN D 145 14.95 -10.64 36.48
CA GLN D 145 14.49 -12.03 36.60
C GLN D 145 13.28 -12.25 37.54
N THR D 146 12.81 -11.17 38.21
CA THR D 146 11.65 -11.20 39.11
C THR D 146 10.34 -10.93 38.38
N ASN D 147 9.43 -11.90 38.42
CA ASN D 147 8.11 -11.82 37.79
C ASN D 147 7.03 -11.50 38.82
N VAL D 148 6.17 -10.53 38.50
CA VAL D 148 5.04 -10.15 39.37
C VAL D 148 3.76 -10.86 38.92
N SER D 149 3.28 -11.74 39.78
CA SER D 149 2.07 -12.55 39.59
C SER D 149 0.84 -11.83 40.10
N GLN D 150 -0.29 -12.03 39.40
CA GLN D 150 -1.59 -11.48 39.78
C GLN D 150 -2.18 -12.39 40.86
N SER D 151 -3.14 -11.87 41.64
CA SER D 151 -3.82 -12.66 42.66
C SER D 151 -5.13 -13.19 42.07
N LYS D 152 -5.68 -14.25 42.69
CA LYS D 152 -6.95 -14.85 42.29
C LYS D 152 -8.09 -14.27 43.15
N ASP D 153 -7.87 -13.07 43.75
CA ASP D 153 -8.83 -12.32 44.58
C ASP D 153 -9.28 -11.07 43.85
N SER D 154 -10.60 -10.93 43.61
CA SER D 154 -11.22 -9.80 42.91
C SER D 154 -11.10 -8.49 43.69
N ASP D 155 -11.09 -8.58 45.03
CA ASP D 155 -10.96 -7.43 45.91
C ASP D 155 -9.49 -6.96 46.13
N VAL D 156 -8.52 -7.63 45.45
CA VAL D 156 -7.07 -7.32 45.49
C VAL D 156 -6.62 -7.05 44.08
N TYR D 157 -6.22 -5.79 43.80
CA TYR D 157 -5.73 -5.34 42.50
C TYR D 157 -4.20 -5.26 42.52
N ILE D 158 -3.53 -5.99 41.60
CA ILE D 158 -2.06 -6.04 41.46
C ILE D 158 -1.63 -5.72 40.02
N THR D 159 -0.93 -4.62 39.81
CA THR D 159 -0.51 -4.28 38.45
C THR D 159 0.66 -5.14 38.01
N ASP D 160 0.97 -5.09 36.72
CA ASP D 160 2.11 -5.72 36.08
C ASP D 160 3.40 -4.91 36.47
N LYS D 161 4.58 -5.45 36.13
CA LYS D 161 5.82 -4.73 36.38
C LYS D 161 6.13 -3.81 35.22
N CYS D 162 6.51 -2.59 35.55
CA CYS D 162 6.99 -1.67 34.54
C CYS D 162 8.19 -0.88 35.05
N VAL D 163 9.02 -0.40 34.11
CA VAL D 163 10.28 0.26 34.38
C VAL D 163 10.30 1.78 34.18
N LEU D 164 10.85 2.48 35.17
CA LEU D 164 11.04 3.91 35.12
C LEU D 164 12.54 4.16 35.01
N ASP D 165 12.91 5.23 34.32
CA ASP D 165 14.28 5.63 34.10
C ASP D 165 14.44 7.05 34.65
N MET D 166 15.35 7.21 35.63
CA MET D 166 15.70 8.48 36.26
C MET D 166 17.01 8.95 35.58
N ARG D 167 16.90 9.21 34.27
CA ARG D 167 17.93 9.61 33.30
C ARG D 167 19.11 10.47 33.80
N SER D 168 18.81 11.57 34.53
CA SER D 168 19.81 12.51 35.05
C SER D 168 20.70 11.92 36.16
N MET D 169 20.37 10.68 36.61
CA MET D 169 21.07 9.96 37.67
C MET D 169 21.64 8.63 37.19
N ASP D 170 21.22 8.18 35.96
CA ASP D 170 21.56 6.89 35.32
C ASP D 170 21.05 5.77 36.24
N PHE D 171 19.72 5.71 36.37
CA PHE D 171 19.05 4.76 37.24
C PHE D 171 17.72 4.30 36.65
N LYS D 172 17.66 3.01 36.33
CA LYS D 172 16.44 2.36 35.86
C LYS D 172 15.89 1.69 37.10
N SER D 173 14.56 1.52 37.18
CA SER D 173 13.91 0.96 38.37
C SER D 173 12.63 0.25 38.01
N ASN D 174 12.45 -0.96 38.55
CA ASN D 174 11.26 -1.80 38.38
C ASN D 174 10.27 -1.55 39.51
N SER D 175 8.98 -1.77 39.23
CA SER D 175 7.91 -1.54 40.20
C SER D 175 6.64 -2.19 39.78
N ALA D 176 5.83 -2.57 40.77
CA ALA D 176 4.46 -3.04 40.62
C ALA D 176 3.70 -2.56 41.84
N VAL D 177 2.46 -2.20 41.66
CA VAL D 177 1.58 -1.64 42.69
C VAL D 177 0.45 -2.62 43.03
N ALA D 178 0.00 -2.61 44.29
CA ALA D 178 -1.09 -3.46 44.76
C ALA D 178 -1.93 -2.71 45.72
N TRP D 179 -3.24 -2.93 45.67
CA TRP D 179 -4.19 -2.28 46.56
C TRP D 179 -5.44 -3.12 46.73
N SER D 180 -6.25 -2.79 47.75
CA SER D 180 -7.46 -3.54 48.05
C SER D 180 -8.64 -2.66 48.41
N ASN D 181 -9.86 -3.14 48.08
CA ASN D 181 -11.14 -2.48 48.33
C ASN D 181 -11.41 -2.15 49.79
N LYS D 182 -11.32 -3.14 50.70
CA LYS D 182 -11.53 -2.89 52.13
C LYS D 182 -10.27 -3.10 52.99
N SER D 183 -10.22 -2.42 54.17
CA SER D 183 -9.10 -2.40 55.13
C SER D 183 -8.87 -3.67 55.99
N ASP D 184 -7.94 -4.51 55.52
CA ASP D 184 -7.40 -5.75 56.12
C ASP D 184 -6.20 -6.20 55.25
N PHE D 185 -5.75 -5.28 54.38
CA PHE D 185 -4.63 -5.43 53.47
C PHE D 185 -3.34 -4.98 54.13
N ALA D 186 -2.24 -5.66 53.79
CA ALA D 186 -0.91 -5.37 54.34
C ALA D 186 0.17 -5.66 53.32
N CYS D 187 1.26 -4.89 53.38
CA CYS D 187 2.43 -4.99 52.51
C CYS D 187 3.10 -6.35 52.53
N ALA D 188 3.17 -6.96 53.74
CA ALA D 188 3.76 -8.29 54.00
C ALA D 188 3.11 -9.38 53.18
N ASN D 189 1.80 -9.27 52.90
CA ASN D 189 1.01 -10.27 52.16
C ASN D 189 0.56 -9.84 50.78
N ALA D 190 0.67 -8.54 50.47
CA ALA D 190 0.26 -7.96 49.19
C ALA D 190 0.77 -8.74 47.96
N PHE D 191 2.06 -9.13 47.98
CA PHE D 191 2.68 -9.86 46.87
C PHE D 191 3.00 -11.31 47.19
N ASN D 192 2.21 -11.93 48.10
CA ASN D 192 2.42 -13.32 48.55
C ASN D 192 2.41 -14.37 47.42
N ASN D 193 1.54 -14.19 46.40
CA ASN D 193 1.37 -15.03 45.21
C ASN D 193 2.65 -15.13 44.36
N SER D 194 3.49 -14.07 44.39
CA SER D 194 4.73 -13.94 43.64
C SER D 194 5.93 -14.62 44.32
N ILE D 195 6.96 -14.95 43.53
CA ILE D 195 8.23 -15.48 44.03
C ILE D 195 9.05 -14.20 44.24
N ILE D 196 9.34 -13.92 45.50
CA ILE D 196 10.06 -12.71 45.86
C ILE D 196 11.49 -13.00 46.29
N PRO D 197 12.47 -12.12 45.97
CA PRO D 197 13.86 -12.35 46.43
C PRO D 197 13.94 -12.54 47.94
N GLU D 198 14.82 -13.45 48.40
CA GLU D 198 15.01 -13.74 49.83
C GLU D 198 15.52 -12.50 50.57
N ASP D 199 16.14 -11.56 49.84
CA ASP D 199 16.67 -10.34 50.42
C ASP D 199 15.67 -9.15 50.43
N THR D 200 14.37 -9.40 50.19
CA THR D 200 13.35 -8.34 50.20
C THR D 200 13.18 -7.66 51.57
N PHE D 201 13.22 -6.32 51.56
CA PHE D 201 13.07 -5.48 52.74
C PHE D 201 11.61 -5.24 53.05
N PHE D 202 11.24 -5.48 54.33
CA PHE D 202 9.90 -5.25 54.84
C PHE D 202 9.94 -4.41 56.13
N PRO D 203 9.75 -3.07 56.00
CA PRO D 203 9.76 -2.22 57.20
C PRO D 203 8.54 -2.42 58.09
N SER D 204 8.74 -2.40 59.42
CA SER D 204 7.70 -2.59 60.45
C SER D 204 6.68 -1.44 60.51
N SER E 4 4.72 12.99 11.81
CA SER E 4 4.60 12.76 10.37
C SER E 4 3.99 13.97 9.59
N GLY E 5 2.90 14.53 10.13
CA GLY E 5 2.18 15.67 9.54
C GLY E 5 0.75 15.38 9.11
N VAL E 6 0.31 14.11 9.26
CA VAL E 6 -1.07 13.74 8.93
C VAL E 6 -1.90 14.03 10.18
N THR E 7 -3.03 14.72 10.01
CA THR E 7 -3.86 15.07 11.16
C THR E 7 -5.26 14.51 11.05
N GLN E 8 -5.58 13.60 11.99
CA GLN E 8 -6.85 12.90 12.16
C GLN E 8 -7.68 13.49 13.32
N THR E 9 -9.02 13.55 13.16
CA THR E 9 -9.96 14.00 14.20
C THR E 9 -11.32 13.33 14.01
N PRO E 10 -12.05 12.99 15.10
CA PRO E 10 -11.68 13.07 16.53
C PRO E 10 -10.71 11.95 16.91
N LYS E 11 -9.75 12.22 17.83
CA LYS E 11 -8.83 11.17 18.28
C LYS E 11 -9.60 10.06 19.02
N HIS E 12 -10.75 10.41 19.63
CA HIS E 12 -11.57 9.48 20.38
C HIS E 12 -13.01 9.71 20.13
N LEU E 13 -13.78 8.64 19.98
CA LEU E 13 -15.22 8.67 19.80
C LEU E 13 -15.79 7.54 20.60
N ILE E 14 -16.91 7.80 21.26
CA ILE E 14 -17.68 6.83 22.03
C ILE E 14 -19.10 7.00 21.51
N THR E 15 -19.70 5.92 20.98
CA THR E 15 -21.04 5.96 20.43
C THR E 15 -21.81 4.70 20.84
N ALA E 16 -23.12 4.72 20.61
CA ALA E 16 -24.01 3.61 20.85
C ALA E 16 -24.18 2.88 19.54
N THR E 17 -24.69 1.66 19.60
CA THR E 17 -24.96 0.81 18.43
C THR E 17 -26.15 1.44 17.65
N GLY E 18 -26.05 1.45 16.31
CA GLY E 18 -27.06 2.02 15.43
C GLY E 18 -26.78 3.44 14.99
N GLN E 19 -25.87 4.13 15.70
CA GLN E 19 -25.44 5.48 15.40
C GLN E 19 -24.49 5.59 14.17
N ARG E 20 -24.20 6.82 13.78
CA ARG E 20 -23.39 7.21 12.64
C ARG E 20 -22.27 8.11 13.17
N VAL E 21 -21.07 7.98 12.62
CA VAL E 21 -19.92 8.82 12.98
C VAL E 21 -19.20 9.26 11.73
N THR E 22 -18.50 10.37 11.83
CA THR E 22 -17.74 10.86 10.70
C THR E 22 -16.32 11.03 11.20
N LEU E 23 -15.37 10.40 10.49
CA LEU E 23 -13.96 10.54 10.87
C LEU E 23 -13.38 11.51 9.86
N ARG E 24 -12.48 12.39 10.32
CA ARG E 24 -11.88 13.39 9.46
C ARG E 24 -10.37 13.25 9.32
N CYS E 25 -9.87 13.48 8.12
CA CYS E 25 -8.45 13.38 7.89
C CYS E 25 -7.83 14.42 6.97
N SER E 26 -6.68 14.98 7.41
CA SER E 26 -5.90 15.95 6.64
C SER E 26 -4.62 15.28 6.18
N PRO E 27 -4.39 15.18 4.86
CA PRO E 27 -3.15 14.52 4.42
C PRO E 27 -1.93 15.42 4.65
N ARG E 28 -0.75 14.83 4.77
CA ARG E 28 0.53 15.53 4.92
C ARG E 28 0.65 16.63 3.86
N SER E 29 1.03 17.84 4.27
CA SER E 29 1.15 19.01 3.40
C SER E 29 1.91 18.68 2.12
N GLY E 30 1.20 18.81 0.98
CA GLY E 30 1.73 18.53 -0.34
C GLY E 30 1.26 17.20 -0.93
N ASP E 31 0.85 16.24 -0.06
CA ASP E 31 0.38 14.95 -0.54
C ASP E 31 -1.02 15.07 -1.11
N LEU E 32 -1.32 14.31 -2.18
CA LEU E 32 -2.61 14.36 -2.87
C LEU E 32 -3.50 13.13 -2.61
N SER E 33 -2.96 12.09 -1.96
CA SER E 33 -3.70 10.86 -1.75
C SER E 33 -4.07 10.55 -0.32
N VAL E 34 -5.26 9.97 -0.11
CA VAL E 34 -5.73 9.60 1.22
C VAL E 34 -6.12 8.12 1.22
N TYR E 35 -5.51 7.35 2.17
CA TYR E 35 -5.70 5.93 2.38
C TYR E 35 -6.31 5.68 3.76
N TRP E 36 -7.35 4.81 3.82
CA TRP E 36 -8.00 4.45 5.07
C TRP E 36 -7.73 2.97 5.42
N TYR E 37 -7.31 2.75 6.68
CA TYR E 37 -7.02 1.46 7.34
C TYR E 37 -7.77 1.43 8.65
N GLN E 38 -8.15 0.23 8.98
CA GLN E 38 -8.83 -0.16 10.16
C GLN E 38 -7.87 -1.15 10.87
N GLN E 39 -7.59 -0.92 12.14
CA GLN E 39 -6.79 -1.82 12.99
C GLN E 39 -7.69 -2.24 14.14
N SER E 40 -8.24 -3.44 14.07
CA SER E 40 -9.09 -3.98 15.14
C SER E 40 -8.19 -4.52 16.28
N LEU E 41 -8.75 -4.79 17.47
CA LEU E 41 -7.95 -5.31 18.59
C LEU E 41 -7.37 -6.69 18.34
N ASP E 42 -6.03 -6.78 18.47
CA ASP E 42 -5.24 -8.00 18.24
C ASP E 42 -5.36 -8.51 16.79
N GLN E 43 -5.42 -7.56 15.86
CA GLN E 43 -5.51 -7.78 14.42
C GLN E 43 -4.63 -6.74 13.69
N GLY E 44 -4.28 -7.03 12.45
CA GLY E 44 -3.43 -6.16 11.67
C GLY E 44 -4.17 -5.03 11.00
N LEU E 45 -3.41 -4.14 10.32
CA LEU E 45 -3.93 -2.99 9.57
C LEU E 45 -4.62 -3.54 8.34
N GLN E 46 -5.92 -3.29 8.18
CA GLN E 46 -6.65 -3.75 7.00
C GLN E 46 -7.02 -2.53 6.14
N PHE E 47 -6.78 -2.62 4.81
CA PHE E 47 -7.00 -1.55 3.84
C PHE E 47 -8.45 -1.45 3.46
N LEU E 48 -8.99 -0.23 3.57
CA LEU E 48 -10.38 0.08 3.28
C LEU E 48 -10.58 0.71 1.93
N ILE E 49 -10.05 1.93 1.74
CA ILE E 49 -10.22 2.70 0.53
C ILE E 49 -9.16 3.75 0.37
N GLN E 50 -8.91 4.15 -0.89
CA GLN E 50 -7.95 5.16 -1.31
C GLN E 50 -8.66 6.19 -2.17
N TYR E 51 -8.25 7.44 -2.01
CA TYR E 51 -8.72 8.58 -2.76
C TYR E 51 -7.49 9.31 -3.27
N TYR E 52 -7.58 9.86 -4.49
CA TYR E 52 -6.49 10.60 -5.08
C TYR E 52 -7.01 11.79 -5.80
N ASN E 53 -6.70 12.99 -5.27
CA ASN E 53 -7.05 14.27 -5.88
C ASN E 53 -8.56 14.42 -6.06
N GLY E 54 -9.31 14.06 -5.02
CA GLY E 54 -10.76 14.13 -4.97
C GLY E 54 -11.45 12.92 -5.55
N GLU E 55 -10.70 11.95 -6.03
CA GLU E 55 -11.30 10.81 -6.71
C GLU E 55 -10.92 9.45 -6.15
N GLU E 56 -11.92 8.55 -6.11
CA GLU E 56 -11.76 7.18 -5.65
C GLU E 56 -10.80 6.38 -6.53
N ARG E 57 -9.89 5.67 -5.88
CA ARG E 57 -8.94 4.81 -6.57
C ARG E 57 -9.12 3.39 -6.03
N ALA E 58 -8.07 2.78 -5.51
CA ALA E 58 -8.12 1.41 -4.98
C ALA E 58 -9.09 1.32 -3.83
N LYS E 59 -9.95 0.30 -3.84
CA LYS E 59 -10.89 0.09 -2.76
C LYS E 59 -10.71 -1.31 -2.16
N GLY E 60 -10.52 -1.36 -0.84
CA GLY E 60 -10.23 -2.61 -0.16
C GLY E 60 -11.49 -3.25 0.34
N ASN E 61 -11.45 -3.70 1.60
CA ASN E 61 -12.56 -4.37 2.27
C ASN E 61 -13.63 -3.45 2.85
N ILE E 62 -13.75 -2.20 2.37
CA ILE E 62 -14.76 -1.24 2.81
C ILE E 62 -16.20 -1.84 2.64
N LEU E 63 -17.01 -1.72 3.71
CA LEU E 63 -18.38 -2.20 3.89
C LEU E 63 -19.38 -1.24 3.26
N GLU E 64 -20.49 -1.76 2.71
CA GLU E 64 -21.58 -0.93 2.13
C GLU E 64 -22.14 0.12 3.12
N ARG E 65 -22.14 -0.22 4.44
CA ARG E 65 -22.53 0.58 5.59
C ARG E 65 -21.57 1.77 5.75
N PHE E 66 -20.40 1.70 5.11
CA PHE E 66 -19.34 2.70 5.20
C PHE E 66 -19.15 3.40 3.87
N SER E 67 -18.87 4.70 3.92
CA SER E 67 -18.61 5.50 2.73
C SER E 67 -17.58 6.58 3.10
N ALA E 68 -16.84 7.03 2.09
CA ALA E 68 -15.82 8.05 2.26
C ALA E 68 -15.80 8.98 1.04
N GLN E 69 -15.04 10.07 1.16
CA GLN E 69 -14.91 11.09 0.13
C GLN E 69 -13.62 11.85 0.40
N GLN E 70 -13.04 12.43 -0.64
CA GLN E 70 -11.91 13.33 -0.51
C GLN E 70 -12.39 14.63 -1.16
N PHE E 71 -12.37 15.72 -0.41
CA PHE E 71 -12.80 17.06 -0.83
C PHE E 71 -11.80 17.78 -1.76
N PRO E 72 -12.20 18.83 -2.53
CA PRO E 72 -11.21 19.50 -3.42
C PRO E 72 -10.04 20.17 -2.68
N ASP E 73 -10.25 20.47 -1.40
CA ASP E 73 -9.22 21.03 -0.52
C ASP E 73 -8.21 19.93 -0.11
N LEU E 74 -8.53 18.65 -0.45
CA LEU E 74 -7.75 17.41 -0.26
C LEU E 74 -8.00 16.62 1.02
N HIS E 75 -8.81 17.17 1.93
CA HIS E 75 -9.15 16.49 3.17
C HIS E 75 -10.12 15.33 2.92
N SER E 76 -10.14 14.33 3.82
CA SER E 76 -11.00 13.17 3.66
C SER E 76 -11.95 12.94 4.83
N GLU E 77 -13.14 12.41 4.53
CA GLU E 77 -14.18 12.10 5.51
C GLU E 77 -14.61 10.66 5.36
N LEU E 78 -14.45 9.87 6.40
CA LEU E 78 -14.90 8.50 6.40
C LEU E 78 -16.12 8.39 7.33
N ASN E 79 -17.27 7.97 6.76
CA ASN E 79 -18.58 7.80 7.42
C ASN E 79 -18.88 6.34 7.69
N LEU E 80 -19.25 6.03 8.93
CA LEU E 80 -19.53 4.65 9.39
C LEU E 80 -20.94 4.71 9.95
N SER E 81 -21.90 4.03 9.32
CA SER E 81 -23.29 4.07 9.77
C SER E 81 -23.79 2.72 10.23
N SER E 82 -24.95 2.69 10.91
CA SER E 82 -25.59 1.50 11.51
C SER E 82 -24.56 0.71 12.34
N LEU E 83 -23.74 1.45 13.11
CA LEU E 83 -22.63 0.91 13.88
C LEU E 83 -22.96 -0.32 14.71
N GLU E 84 -22.05 -1.30 14.66
CA GLU E 84 -22.12 -2.58 15.37
C GLU E 84 -20.94 -2.66 16.35
N LEU E 85 -21.07 -3.46 17.42
CA LEU E 85 -19.98 -3.56 18.41
C LEU E 85 -18.63 -3.84 17.78
N GLY E 86 -18.62 -4.73 16.77
CA GLY E 86 -17.45 -5.14 16.00
C GLY E 86 -16.74 -4.04 15.22
N ASP E 87 -17.40 -2.83 15.11
CA ASP E 87 -16.83 -1.67 14.43
C ASP E 87 -15.84 -0.92 15.30
N SER E 88 -15.73 -1.30 16.58
CA SER E 88 -14.79 -0.71 17.54
C SER E 88 -13.38 -1.03 17.04
N ALA E 89 -12.61 0.00 16.69
CA ALA E 89 -11.25 -0.17 16.15
C ALA E 89 -10.48 1.13 16.14
N LEU E 90 -9.24 1.05 15.73
CA LEU E 90 -8.42 2.21 15.48
C LEU E 90 -8.51 2.42 13.95
N TYR E 91 -9.03 3.57 13.52
CA TYR E 91 -9.09 3.89 12.10
C TYR E 91 -7.99 4.87 11.80
N PHE E 92 -7.08 4.47 10.92
CA PHE E 92 -5.96 5.28 10.51
C PHE E 92 -6.13 5.77 9.09
N CYS E 93 -5.59 6.92 8.90
CA CYS E 93 -5.56 7.53 7.62
C CYS E 93 -4.09 7.69 7.31
N ALA E 94 -3.72 7.56 6.04
CA ALA E 94 -2.34 7.73 5.58
C ALA E 94 -2.34 8.41 4.25
N SER E 95 -1.29 9.23 4.00
CA SER E 95 -1.08 9.91 2.74
C SER E 95 0.23 9.42 2.17
N SER E 96 0.26 9.24 0.86
CA SER E 96 1.40 8.74 0.15
C SER E 96 2.27 9.88 -0.34
N ALA E 97 3.59 9.64 -0.29
CA ALA E 97 4.66 10.48 -0.77
C ALA E 97 5.07 9.92 -2.13
N ARG E 98 5.64 10.79 -2.98
CA ARG E 98 6.10 10.49 -4.33
C ARG E 98 7.03 9.28 -4.37
N SER E 99 8.02 9.21 -3.45
CA SER E 99 8.92 8.07 -3.34
C SER E 99 8.25 6.71 -3.00
N GLY E 100 6.98 6.73 -2.55
CA GLY E 100 6.22 5.50 -2.29
C GLY E 100 5.66 5.26 -0.91
N GLU E 101 6.38 5.70 0.16
CA GLU E 101 5.94 5.50 1.56
C GLU E 101 4.64 6.22 1.88
N LEU E 102 3.89 5.64 2.82
CA LEU E 102 2.66 6.17 3.38
C LEU E 102 2.97 6.70 4.79
N PHE E 103 2.50 7.92 5.07
CA PHE E 103 2.67 8.54 6.36
C PHE E 103 1.37 8.48 7.10
N PHE E 104 1.42 7.86 8.27
CA PHE E 104 0.24 7.63 9.08
C PHE E 104 -0.13 8.77 10.01
N GLY E 105 -1.41 8.94 10.22
CA GLY E 105 -1.94 9.90 11.17
C GLY E 105 -1.89 9.25 12.55
N GLU E 106 -2.33 9.96 13.60
CA GLU E 106 -2.26 9.39 14.94
C GLU E 106 -3.46 8.46 15.27
N GLY E 107 -4.43 8.39 14.35
CA GLY E 107 -5.54 7.45 14.46
C GLY E 107 -6.75 7.94 15.21
N SER E 108 -7.91 7.30 14.90
CA SER E 108 -9.19 7.59 15.53
C SER E 108 -9.64 6.37 16.23
N ARG E 109 -9.71 6.42 17.56
CA ARG E 109 -10.17 5.27 18.34
C ARG E 109 -11.67 5.34 18.54
N LEU E 110 -12.39 4.45 17.85
CA LEU E 110 -13.84 4.32 17.99
C LEU E 110 -14.17 3.22 18.96
N THR E 111 -15.06 3.53 19.91
CA THR E 111 -15.63 2.60 20.87
C THR E 111 -17.13 2.65 20.68
N VAL E 112 -17.73 1.52 20.30
CA VAL E 112 -19.17 1.36 20.10
C VAL E 112 -19.69 0.52 21.25
N LEU E 113 -20.66 1.05 21.99
CA LEU E 113 -21.30 0.40 23.15
C LEU E 113 -22.79 0.21 22.87
N GLU E 114 -23.45 -0.73 23.55
CA GLU E 114 -24.87 -1.03 23.36
C GLU E 114 -25.78 0.08 23.87
N ASP E 115 -25.43 0.59 25.06
CA ASP E 115 -26.08 1.69 25.82
C ASP E 115 -24.88 2.46 26.39
N LEU E 116 -25.07 3.75 26.71
CA LEU E 116 -23.99 4.59 27.25
C LEU E 116 -24.08 4.73 28.78
N LYS E 117 -25.03 4.01 29.40
CA LYS E 117 -25.31 4.01 30.85
C LYS E 117 -24.09 3.69 31.73
N ASN E 118 -23.22 2.80 31.26
CA ASN E 118 -22.06 2.35 32.00
C ASN E 118 -20.77 3.11 31.70
N VAL E 119 -20.86 4.34 31.13
CA VAL E 119 -19.71 5.22 30.85
C VAL E 119 -19.44 6.01 32.14
N PHE E 120 -18.20 5.92 32.66
CA PHE E 120 -17.79 6.57 33.91
C PHE E 120 -16.44 7.27 33.80
N PRO E 121 -16.29 8.50 34.29
CA PRO E 121 -14.96 9.11 34.33
C PRO E 121 -14.13 8.51 35.48
N PRO E 122 -12.78 8.66 35.47
CA PRO E 122 -11.98 8.14 36.58
C PRO E 122 -12.01 9.00 37.84
N GLU E 123 -11.78 8.38 39.01
CA GLU E 123 -11.57 9.06 40.27
C GLU E 123 -10.07 8.94 40.41
N VAL E 124 -9.39 10.05 40.73
CA VAL E 124 -7.93 10.11 40.82
C VAL E 124 -7.42 10.41 42.24
N ALA E 125 -6.47 9.60 42.73
CA ALA E 125 -5.85 9.78 44.04
C ALA E 125 -4.32 9.74 43.90
N VAL E 126 -3.61 10.50 44.72
CA VAL E 126 -2.14 10.53 44.73
C VAL E 126 -1.66 9.98 46.07
N PHE E 127 -0.82 8.95 46.03
CA PHE E 127 -0.26 8.31 47.20
C PHE E 127 1.18 8.74 47.40
N GLU E 128 1.41 9.39 48.55
CA GLU E 128 2.66 10.01 48.98
C GLU E 128 3.75 8.99 49.30
N PRO E 129 5.04 9.35 48.98
CA PRO E 129 6.16 8.44 49.24
C PRO E 129 6.21 7.80 50.63
N SER E 130 6.72 6.55 50.71
CA SER E 130 6.92 5.85 51.98
C SER E 130 8.12 6.52 52.68
N GLU E 131 8.01 6.75 54.00
CA GLU E 131 9.13 7.37 54.73
C GLU E 131 10.27 6.39 54.85
N ALA E 132 9.95 5.08 54.78
CA ALA E 132 10.91 3.99 54.83
C ALA E 132 11.68 3.93 53.53
N GLU E 133 11.05 4.35 52.41
CA GLU E 133 11.68 4.40 51.09
C GLU E 133 12.72 5.50 51.04
N ILE E 134 12.47 6.60 51.76
CA ILE E 134 13.37 7.75 51.85
C ILE E 134 14.67 7.31 52.55
N SER E 135 14.53 6.76 53.78
CA SER E 135 15.61 6.31 54.65
C SER E 135 16.49 5.24 54.01
N HIS E 136 15.86 4.31 53.27
CA HIS E 136 16.49 3.18 52.60
C HIS E 136 17.15 3.52 51.25
N THR E 137 16.43 4.18 50.33
CA THR E 137 16.97 4.45 48.98
C THR E 137 17.54 5.86 48.70
N GLN E 138 17.07 6.89 49.44
CA GLN E 138 17.39 8.32 49.27
C GLN E 138 16.61 8.85 48.06
N LYS E 139 15.59 8.06 47.65
CA LYS E 139 14.67 8.32 46.55
C LYS E 139 13.24 8.24 47.08
N ALA E 140 12.30 8.92 46.39
CA ALA E 140 10.89 9.00 46.78
C ALA E 140 9.96 8.75 45.60
N THR E 141 9.10 7.73 45.73
CA THR E 141 8.16 7.35 44.69
C THR E 141 6.76 7.78 45.01
N LEU E 142 6.18 8.57 44.12
CA LEU E 142 4.78 8.93 44.23
C LEU E 142 3.97 7.88 43.41
N VAL E 143 2.74 7.57 43.85
CA VAL E 143 1.87 6.64 43.14
C VAL E 143 0.55 7.35 42.88
N CYS E 144 0.04 7.20 41.66
CA CYS E 144 -1.23 7.75 41.25
C CYS E 144 -2.17 6.64 40.83
N LEU E 145 -3.38 6.66 41.38
CA LEU E 145 -4.40 5.68 41.05
C LEU E 145 -5.55 6.40 40.37
N ALA E 146 -5.91 5.95 39.16
CA ALA E 146 -7.06 6.41 38.39
C ALA E 146 -7.94 5.17 38.37
N THR E 147 -9.09 5.22 39.07
CA THR E 147 -9.96 4.05 39.23
C THR E 147 -11.38 4.28 38.75
N GLY E 148 -12.13 3.20 38.53
CA GLY E 148 -13.53 3.22 38.15
C GLY E 148 -13.94 3.82 36.82
N PHE E 149 -13.12 3.67 35.78
CA PHE E 149 -13.47 4.29 34.49
C PHE E 149 -13.96 3.37 33.40
N TYR E 150 -14.83 3.89 32.53
CA TYR E 150 -15.37 3.18 31.37
C TYR E 150 -15.78 4.12 30.24
N PRO E 151 -15.30 3.92 28.99
CA PRO E 151 -14.38 2.88 28.54
C PRO E 151 -12.92 3.20 28.85
N ASP E 152 -12.05 2.36 28.27
CA ASP E 152 -10.59 2.25 28.24
C ASP E 152 -9.78 3.54 27.79
N HIS E 153 -10.46 4.61 27.32
CA HIS E 153 -9.86 5.86 26.77
C HIS E 153 -9.26 6.86 27.78
N VAL E 154 -8.09 6.56 28.37
CA VAL E 154 -7.42 7.51 29.27
C VAL E 154 -5.92 7.82 28.92
N GLU E 155 -5.46 9.00 29.35
CA GLU E 155 -4.08 9.40 29.19
C GLU E 155 -3.66 9.98 30.50
N LEU E 156 -2.65 9.35 31.08
CA LEU E 156 -2.16 9.76 32.36
C LEU E 156 -0.80 10.45 32.24
N SER E 157 -0.73 11.72 32.70
CA SER E 157 0.47 12.55 32.67
C SER E 157 0.80 13.13 34.06
N TRP E 158 2.11 13.33 34.33
CA TRP E 158 2.60 13.88 35.59
C TRP E 158 3.07 15.29 35.34
N TRP E 159 2.71 16.19 36.24
CA TRP E 159 3.07 17.61 36.20
C TRP E 159 3.79 17.98 37.49
N VAL E 160 5.02 18.49 37.32
CA VAL E 160 5.86 18.93 38.43
C VAL E 160 6.16 20.39 38.22
N ASN E 161 5.69 21.22 39.16
CA ASN E 161 5.81 22.67 39.19
C ASN E 161 5.24 23.31 37.92
N GLY E 162 4.06 22.83 37.50
CA GLY E 162 3.32 23.32 36.34
C GLY E 162 3.83 22.91 34.98
N LYS E 163 4.85 22.01 34.96
CA LYS E 163 5.50 21.45 33.77
C LYS E 163 5.38 19.94 33.77
N GLU E 164 5.06 19.37 32.60
CA GLU E 164 4.96 17.92 32.40
C GLU E 164 6.33 17.24 32.44
N VAL E 165 6.41 16.12 33.18
CA VAL E 165 7.65 15.37 33.31
C VAL E 165 7.47 13.94 32.76
N HIS E 166 8.53 13.37 32.20
CA HIS E 166 8.51 12.02 31.63
C HIS E 166 9.62 11.18 32.26
N SER E 167 10.63 11.83 32.85
CA SER E 167 11.75 11.15 33.51
C SER E 167 11.31 10.71 34.92
N GLY E 168 11.60 9.46 35.25
CA GLY E 168 11.22 8.89 36.54
C GLY E 168 9.75 8.53 36.59
N VAL E 169 9.13 8.41 35.42
CA VAL E 169 7.73 8.12 35.23
C VAL E 169 7.54 6.71 34.70
N CYS E 170 6.51 6.07 35.22
CA CYS E 170 6.10 4.73 34.94
C CYS E 170 4.59 4.72 34.86
N THR E 171 4.02 4.36 33.73
CA THR E 171 2.58 4.21 33.62
C THR E 171 2.31 2.83 33.07
N ASP E 172 1.35 2.09 33.66
CA ASP E 172 1.01 0.74 33.21
C ASP E 172 0.78 0.73 31.70
N PRO E 173 1.31 -0.28 31.00
CA PRO E 173 1.09 -0.35 29.56
C PRO E 173 -0.38 -0.61 29.24
N GLN E 174 -1.14 -1.18 30.18
CA GLN E 174 -2.57 -1.45 30.00
C GLN E 174 -3.39 -1.24 31.27
N PRO E 175 -4.67 -0.82 31.12
CA PRO E 175 -5.55 -0.71 32.28
C PRO E 175 -5.92 -2.11 32.76
N LEU E 176 -6.27 -2.18 34.02
CA LEU E 176 -6.65 -3.38 34.74
C LEU E 176 -8.19 -3.45 34.87
N LYS E 177 -8.79 -4.64 34.80
CA LYS E 177 -10.24 -4.78 34.98
C LYS E 177 -10.48 -4.92 36.48
N GLU E 178 -11.30 -4.01 37.03
CA GLU E 178 -11.71 -4.02 38.41
C GLU E 178 -12.57 -5.28 38.74
N GLN E 179 -13.42 -5.71 37.78
CA GLN E 179 -14.24 -6.92 37.86
C GLN E 179 -13.96 -7.76 36.59
N PRO E 180 -12.89 -8.59 36.56
CA PRO E 180 -12.56 -9.34 35.33
C PRO E 180 -13.68 -10.04 34.56
N ALA E 181 -14.62 -10.70 35.28
CA ALA E 181 -15.76 -11.43 34.72
C ALA E 181 -16.73 -10.56 33.93
N LEU E 182 -17.01 -9.34 34.42
CA LEU E 182 -17.93 -8.38 33.80
C LEU E 182 -17.50 -8.00 32.37
N ASN E 183 -18.45 -8.06 31.41
CA ASN E 183 -18.20 -7.69 30.02
C ASN E 183 -18.03 -6.17 29.91
N ASP E 184 -18.77 -5.42 30.76
CA ASP E 184 -18.78 -3.96 30.83
C ASP E 184 -17.99 -3.46 32.06
N SER E 185 -16.92 -4.22 32.45
CA SER E 185 -16.06 -3.91 33.61
C SER E 185 -15.36 -2.59 33.49
N ARG E 186 -15.35 -1.85 34.58
CA ARG E 186 -14.67 -0.58 34.74
C ARG E 186 -13.17 -0.88 34.93
N TYR E 187 -12.31 0.08 34.58
CA TYR E 187 -10.84 -0.08 34.68
C TYR E 187 -10.19 0.75 35.75
N ALA E 188 -8.97 0.35 36.09
CA ALA E 188 -8.06 0.98 37.04
C ALA E 188 -6.66 1.07 36.37
N LEU E 189 -5.98 2.19 36.57
CA LEU E 189 -4.66 2.46 36.02
C LEU E 189 -3.78 3.11 37.07
N SER E 190 -2.54 2.67 37.13
CA SER E 190 -1.57 3.22 38.04
C SER E 190 -0.41 3.83 37.29
N SER E 191 0.30 4.72 37.99
CA SER E 191 1.49 5.40 37.53
C SER E 191 2.40 5.63 38.69
N ARG E 192 3.72 5.68 38.41
CA ARG E 192 4.72 6.01 39.43
C ARG E 192 5.57 7.19 38.91
N LEU E 193 5.85 8.13 39.82
CA LEU E 193 6.75 9.26 39.64
C LEU E 193 7.78 9.10 40.74
N ARG E 194 9.05 8.93 40.32
CA ARG E 194 10.16 8.79 41.24
C ARG E 194 11.08 9.97 41.10
N VAL E 195 11.32 10.64 42.24
CA VAL E 195 12.19 11.80 42.40
C VAL E 195 13.06 11.55 43.63
N SER E 196 14.23 12.23 43.73
CA SER E 196 15.10 12.06 44.89
C SER E 196 14.44 12.60 46.15
N ALA E 197 14.80 12.03 47.32
CA ALA E 197 14.26 12.40 48.63
C ALA E 197 14.25 13.91 48.86
N THR E 198 15.39 14.62 48.61
CA THR E 198 15.48 16.08 48.76
C THR E 198 14.49 16.86 47.89
N PHE E 199 14.20 16.37 46.67
CA PHE E 199 13.21 17.00 45.79
C PHE E 199 11.79 16.81 46.36
N TRP E 200 11.51 15.64 46.99
CA TRP E 200 10.22 15.39 47.65
C TRP E 200 10.09 16.23 48.95
N GLN E 201 11.19 16.33 49.71
CA GLN E 201 11.26 17.04 50.99
C GLN E 201 11.04 18.56 50.94
N ASN E 202 11.13 19.18 49.74
CA ASN E 202 10.94 20.63 49.54
C ASN E 202 9.43 21.02 49.42
N PRO E 203 8.85 21.79 50.40
CA PRO E 203 7.40 22.11 50.31
C PRO E 203 6.97 23.16 49.28
N ARG E 204 7.92 23.64 48.46
CA ARG E 204 7.70 24.57 47.37
C ARG E 204 7.40 23.77 46.09
N ASN E 205 7.77 22.46 46.10
CA ASN E 205 7.58 21.54 44.98
C ASN E 205 6.19 20.95 44.94
N HIS E 206 5.54 21.12 43.78
CA HIS E 206 4.18 20.70 43.47
C HIS E 206 4.20 19.49 42.55
N PHE E 207 3.36 18.50 42.89
CA PHE E 207 3.20 17.26 42.16
C PHE E 207 1.73 17.02 41.91
N ARG E 208 1.36 16.87 40.64
CA ARG E 208 -0.02 16.65 40.23
C ARG E 208 -0.10 15.50 39.23
N CYS E 209 -1.02 14.59 39.47
CA CYS E 209 -1.24 13.56 38.47
C CYS E 209 -2.45 13.90 37.67
N GLN E 210 -2.26 14.09 36.38
CA GLN E 210 -3.31 14.44 35.45
C GLN E 210 -3.81 13.21 34.68
N VAL E 211 -5.12 13.03 34.71
CA VAL E 211 -5.80 11.96 33.98
C VAL E 211 -6.82 12.63 33.06
N GLN E 212 -6.59 12.50 31.75
CA GLN E 212 -7.47 12.98 30.70
C GLN E 212 -8.34 11.80 30.29
N PHE E 213 -9.63 11.98 30.40
CA PHE E 213 -10.62 10.96 30.09
C PHE E 213 -11.38 11.34 28.82
N TYR E 214 -11.70 10.34 27.99
CA TYR E 214 -12.49 10.62 26.80
C TYR E 214 -13.79 9.88 26.91
N GLY E 215 -14.85 10.64 27.16
CA GLY E 215 -16.20 10.14 27.33
C GLY E 215 -17.18 10.78 26.36
N LEU E 216 -18.37 11.10 26.85
CA LEU E 216 -19.44 11.69 26.04
C LEU E 216 -19.14 13.16 25.68
N SER E 217 -19.95 13.75 24.77
CA SER E 217 -19.85 15.16 24.31
C SER E 217 -21.08 15.52 23.47
N GLU E 218 -22.27 15.64 24.12
CA GLU E 218 -23.56 15.95 23.47
C GLU E 218 -23.90 15.04 22.24
N ASN E 219 -23.14 13.91 22.08
CA ASN E 219 -23.27 12.88 21.03
C ASN E 219 -24.59 12.12 21.18
N ASP E 220 -25.04 11.98 22.46
CA ASP E 220 -26.30 11.37 22.88
C ASP E 220 -26.77 12.06 24.16
N GLU E 221 -28.01 11.76 24.60
CA GLU E 221 -28.61 12.34 25.79
C GLU E 221 -28.14 11.61 27.05
N TRP E 222 -28.41 12.19 28.22
CA TRP E 222 -28.07 11.61 29.50
C TRP E 222 -29.30 11.58 30.41
N THR E 223 -29.86 10.37 30.63
CA THR E 223 -31.08 10.18 31.43
C THR E 223 -30.79 9.64 32.84
N GLN E 224 -29.58 9.92 33.37
CA GLN E 224 -29.22 9.44 34.70
C GLN E 224 -29.12 10.52 35.78
N ASP E 225 -29.17 10.06 37.04
CA ASP E 225 -29.11 10.86 38.26
C ASP E 225 -27.74 11.50 38.48
N ARG E 226 -26.66 10.77 38.12
CA ARG E 226 -25.27 11.23 38.24
C ARG E 226 -24.89 12.13 37.06
N ALA E 227 -23.72 12.78 37.18
CA ALA E 227 -23.16 13.68 36.15
C ALA E 227 -22.90 12.97 34.81
N LYS E 228 -23.14 13.69 33.71
CA LYS E 228 -22.92 13.22 32.34
C LYS E 228 -21.41 12.94 32.19
N PRO E 229 -21.02 11.71 31.79
CA PRO E 229 -19.59 11.38 31.69
C PRO E 229 -18.88 11.95 30.46
N VAL E 230 -18.80 13.29 30.39
CA VAL E 230 -18.16 14.05 29.31
C VAL E 230 -16.65 13.97 29.37
N THR E 231 -15.98 14.21 28.21
CA THR E 231 -14.53 14.31 28.07
C THR E 231 -14.09 15.39 29.06
N GLN E 232 -13.25 15.01 30.01
CA GLN E 232 -12.76 15.91 31.07
C GLN E 232 -11.40 15.49 31.56
N ILE E 233 -10.76 16.39 32.32
CA ILE E 233 -9.49 16.17 33.02
C ILE E 233 -9.83 15.99 34.51
N VAL E 234 -9.41 14.86 35.09
CA VAL E 234 -9.56 14.61 36.52
C VAL E 234 -8.12 14.55 37.06
N SER E 235 -7.81 15.32 38.12
CA SER E 235 -6.49 15.46 38.73
C SER E 235 -6.48 15.14 40.23
N ALA E 236 -5.28 15.00 40.79
CA ALA E 236 -5.00 14.77 42.22
C ALA E 236 -3.62 15.33 42.43
N GLU E 237 -3.42 16.00 43.55
CA GLU E 237 -2.14 16.65 43.85
C GLU E 237 -1.56 16.36 45.22
N ALA E 238 -0.29 16.73 45.37
CA ALA E 238 0.49 16.64 46.58
C ALA E 238 1.59 17.69 46.55
N TRP E 239 1.80 18.35 47.68
CA TRP E 239 2.88 19.29 47.84
C TRP E 239 3.98 18.54 48.56
N GLY E 240 5.23 18.93 48.31
CA GLY E 240 6.38 18.34 48.96
C GLY E 240 6.26 18.44 50.47
N ARG E 241 6.74 17.41 51.19
CA ARG E 241 6.65 17.31 52.64
C ARG E 241 8.06 17.23 53.23
N ALA E 242 8.34 18.07 54.22
CA ALA E 242 9.64 18.09 54.88
C ALA E 242 9.76 16.98 55.92
N ASP E 243 8.71 16.82 56.77
CA ASP E 243 8.64 15.85 57.87
C ASP E 243 9.79 16.05 58.89
#